data_7WCM
#
_entry.id   7WCM
#
_cell.length_a   1.00
_cell.length_b   1.00
_cell.length_c   1.00
_cell.angle_alpha   90.00
_cell.angle_beta   90.00
_cell.angle_gamma   90.00
#
_symmetry.space_group_name_H-M   'P 1'
#
loop_
_entity.id
_entity.type
_entity.pdbx_description
1 polymer 'Guanine nucleotide-binding protein G(s) subunit alpha isoforms short'
2 polymer 'Guanine nucleotide-binding protein G(I)/G(S)/G(T) subunit beta-1'
3 polymer 'Guanine nucleotide-binding protein G(I)/G(S)/G(O) subunit gamma-2'
4 polymer Nb35
5 polymer 'Glucose-dependent insulinotropic receptor'
6 non-polymer 2-[1-(5-ethylpyrimidin-2-yl)piperidin-4-yl]-4-[[4-(1,2,3,4-tetrazol-1-yl)phenoxy]methyl]-1,3-thiazole
#
loop_
_entity_poly.entity_id
_entity_poly.type
_entity_poly.pdbx_seq_one_letter_code
_entity_poly.pdbx_strand_id
1 'polypeptide(L)'
;MGCLGNSKTEDQRNEEKAQREANKKIEKQLQKDKQVYRATHRLLLLGAGESGKNTIVKQMRILHVNGFNGEGGEEDPQAA
RSNSDGEKATKVQDIKNNLKEAIETIVAAMSNLVPPVELANPENQFRVDYILSVMNVPDFDFPPEFYEHAKALWEDEGVR
ACYERSNEYQLIDCAQYFLDKIDVIKQADYVPSDQDLLRCRVLTSGIFETKFQVDKVNFHMFDVGAQRDERRKWIQCFND
VTAIIFVVASSSYNMVIREDNQTNRLQAALKLFDSIWNNKWLRDTSVILFLNKQDLLAEKVLAGKSKIEDYFPEFARYTT
PEDATPEPGEDPRVTRAKYFIRDEFLRISTASGDGRHYCYPHFTCAVDTENIRRVFNDCRDIIQRMHLRQYELL
;
A
2 'polypeptide(L)'
;MHHHHHHGSLLQSELDQLRQEAEQLKNQIRDARKACADATLSQITNNIDPVGRIQMRTRRTLRGHLAKIYAMHWGTDSRL
LVSASQDGKLIIWDSYTTNKVHAIPLRSSWVMTCAYAPSGNYVACGGLDNICSIYNLKTREGNVRVSRELAGHTGYLSCC
RFLDDNQIVTSSGDTTCALWDIETGQQTTTFTGHTGDVMSLSLAPDTRLFVSGACDASAKLWDVREGMCRQTFTGHESDI
NAICFFPNGNAFATGSDDATCRLFDLRADQELMTYSHDNIICGITSVSFSKSGRLLLAGYDDFNCNVWDALKADRAGVLA
GHDNRVSCLGVTDDGMAVATGSWDSFLKIWN
;
B
3 'polypeptide(L)' MASNNTASIAQARKLVEQLKMEANIDRIKVSKAAADLMAYCEAHAKEDPLLTPVPASENPFREKKFFCAIL C
4 'polypeptide(L)'
;QVQLQESGGGLVQPGGSLRLSCAASGFTFSNYKMNWVRQAPGKGLEWVSDISQSGASISYTGSVKGRFTISRDNAKNTLY
LQMNSLKPEDTAVYYCARCPAPFTRDCFDVTSTTYAYRGQGTQVTVSSHHHHHHEPEA
;
N
5 'polypeptide(L)'
;MESSFSFGVILAVLASLIIATNTLVAVAVLLLIHKNDGVSLCFTLNLAVADTLIGVAISGLLTDQLSSPSRPTQKTLCSL
RMAFVTSSAAASVLTVMLITFDRYLAIKQPFRYLKIMSGFVAGACIAGLWLVSYLIGFLPLGIPMFQQTAYKGQCSFFAV
FHPHFVLTLSCVGFFPAMLLFVFFYCDMLKIASMHSQQIRKMEHAGAMAGGYRSPRTPSDFKALRTVSVLIGSFALCWTP
FLITGIVQVACQECHLYLVLERYLWLLGVGNSLLNPLIYAYWQKEVRLQLYHMALGVKKVLTSFLLFLSARNCGPERPRE
SSCHIVTISSSEFDG
;
R
#
# COMPACT_ATOMS: atom_id res chain seq x y z
N THR A 9 -1.68 -40.17 -24.93
CA THR A 9 -1.87 -38.76 -24.61
C THR A 9 -3.34 -38.47 -24.31
N GLU A 10 -4.18 -39.50 -24.43
CA GLU A 10 -5.61 -39.33 -24.19
C GLU A 10 -5.89 -38.98 -22.73
N ASP A 11 -5.24 -39.68 -21.80
CA ASP A 11 -5.42 -39.38 -20.38
C ASP A 11 -4.91 -37.98 -20.06
N GLN A 12 -3.87 -37.52 -20.76
CA GLN A 12 -3.40 -36.15 -20.58
C GLN A 12 -4.46 -35.15 -21.02
N ARG A 13 -5.14 -35.43 -22.14
CA ARG A 13 -6.22 -34.55 -22.58
C ARG A 13 -7.36 -34.54 -21.56
N ASN A 14 -7.69 -35.71 -21.00
CA ASN A 14 -8.74 -35.76 -19.98
C ASN A 14 -8.34 -34.97 -18.73
N GLU A 15 -7.07 -35.09 -18.32
CA GLU A 15 -6.60 -34.34 -17.16
C GLU A 15 -6.67 -32.85 -17.41
N GLU A 16 -6.26 -32.41 -18.61
CA GLU A 16 -6.36 -30.99 -18.94
C GLU A 16 -7.82 -30.52 -18.93
N LYS A 17 -8.72 -31.34 -19.45
CA LYS A 17 -10.14 -30.98 -19.46
C LYS A 17 -10.69 -30.82 -18.05
N ALA A 18 -10.39 -31.78 -17.17
CA ALA A 18 -10.86 -31.70 -15.80
C ALA A 18 -10.29 -30.50 -15.08
N GLN A 19 -8.99 -30.23 -15.28
CA GLN A 19 -8.37 -29.06 -14.64
C GLN A 19 -9.02 -27.78 -15.12
N ARG A 20 -9.30 -27.68 -16.42
CA ARG A 20 -9.95 -26.48 -16.95
C ARG A 20 -11.36 -26.31 -16.37
N GLU A 21 -12.12 -27.40 -16.26
CA GLU A 21 -13.47 -27.29 -15.71
C GLU A 21 -13.44 -26.82 -14.27
N ALA A 22 -12.53 -27.38 -13.46
CA ALA A 22 -12.39 -26.93 -12.09
C ALA A 22 -11.99 -25.45 -12.03
N ASN A 23 -11.11 -25.03 -12.94
CA ASN A 23 -10.69 -23.63 -12.96
C ASN A 23 -11.86 -22.69 -13.27
N LYS A 24 -12.70 -23.05 -14.24
CA LYS A 24 -13.89 -22.23 -14.52
C LYS A 24 -14.85 -22.16 -13.34
N LYS A 25 -15.07 -23.30 -12.65
CA LYS A 25 -15.93 -23.25 -11.48
C LYS A 25 -15.38 -22.30 -10.42
N ILE A 26 -14.07 -22.39 -10.16
CA ILE A 26 -13.44 -21.52 -9.19
C ILE A 26 -13.57 -20.06 -9.61
N GLU A 27 -13.40 -19.79 -10.91
CA GLU A 27 -13.46 -18.41 -11.40
C GLU A 27 -14.87 -17.83 -11.26
N LYS A 28 -15.90 -18.62 -11.48
CA LYS A 28 -17.27 -18.13 -11.27
C LYS A 28 -17.49 -17.79 -9.80
N GLN A 29 -17.05 -18.67 -8.90
CA GLN A 29 -17.18 -18.37 -7.48
C GLN A 29 -16.41 -17.11 -7.11
N LEU A 30 -15.23 -16.93 -7.69
CA LEU A 30 -14.43 -15.73 -7.42
C LEU A 30 -15.12 -14.47 -7.95
N GLN A 31 -15.83 -14.57 -9.06
CA GLN A 31 -16.60 -13.43 -9.55
C GLN A 31 -17.66 -13.00 -8.53
N LYS A 32 -18.40 -13.98 -8.00
CA LYS A 32 -19.38 -13.65 -6.98
C LYS A 32 -18.73 -13.02 -5.74
N ASP A 33 -17.61 -13.60 -5.31
CA ASP A 33 -16.91 -13.06 -4.14
C ASP A 33 -16.36 -11.66 -4.40
N LYS A 34 -15.94 -11.37 -5.64
CA LYS A 34 -15.49 -10.03 -5.98
C LYS A 34 -16.63 -9.02 -5.86
N GLN A 35 -17.81 -9.38 -6.35
CA GLN A 35 -18.97 -8.51 -6.17
C GLN A 35 -19.19 -8.20 -4.69
N VAL A 36 -19.22 -9.26 -3.86
CA VAL A 36 -19.46 -9.07 -2.43
C VAL A 36 -18.37 -8.19 -1.80
N TYR A 37 -17.10 -8.46 -2.14
CA TYR A 37 -16.00 -7.70 -1.54
C TYR A 37 -16.07 -6.23 -1.90
N ARG A 38 -16.39 -5.92 -3.16
CA ARG A 38 -16.48 -4.52 -3.55
C ARG A 38 -17.66 -3.82 -2.90
N ALA A 39 -18.73 -4.57 -2.58
CA ALA A 39 -19.91 -3.92 -1.99
C ALA A 39 -19.65 -3.36 -0.60
N THR A 40 -18.91 -4.06 0.26
CA THR A 40 -18.83 -3.74 1.67
C THR A 40 -17.66 -2.81 1.99
N HIS A 41 -17.76 -2.09 3.11
CA HIS A 41 -16.76 -1.11 3.52
C HIS A 41 -16.14 -1.50 4.86
N ARG A 42 -14.82 -1.45 4.93
CA ARG A 42 -14.06 -1.94 6.09
C ARG A 42 -13.47 -0.76 6.86
N LEU A 43 -13.62 -0.79 8.18
CA LEU A 43 -13.18 0.28 9.07
C LEU A 43 -12.27 -0.29 10.15
N LEU A 44 -11.28 0.49 10.56
CA LEU A 44 -10.40 0.10 11.66
C LEU A 44 -10.66 1.01 12.85
N LEU A 45 -11.10 0.44 13.97
CA LEU A 45 -11.38 1.20 15.19
C LEU A 45 -10.16 1.15 16.11
N LEU A 46 -9.65 2.32 16.48
CA LEU A 46 -8.47 2.43 17.32
C LEU A 46 -8.74 3.44 18.42
N GLY A 47 -8.50 3.04 19.67
CA GLY A 47 -8.77 3.87 20.83
C GLY A 47 -7.60 3.83 21.80
N ALA A 48 -7.94 3.82 23.08
CA ALA A 48 -6.95 3.79 24.15
C ALA A 48 -7.54 3.01 25.32
N GLY A 49 -6.89 3.12 26.48
CA GLY A 49 -7.34 2.35 27.64
C GLY A 49 -8.73 2.75 28.10
N GLU A 50 -8.98 4.06 28.21
CA GLU A 50 -10.27 4.56 28.69
C GLU A 50 -10.82 5.64 27.78
N SER A 51 -10.52 5.56 26.48
CA SER A 51 -11.02 6.54 25.53
C SER A 51 -12.52 6.43 25.31
N GLY A 52 -13.11 5.28 25.61
CA GLY A 52 -14.53 5.07 25.38
C GLY A 52 -14.87 4.37 24.08
N LYS A 53 -13.91 3.67 23.47
CA LYS A 53 -14.19 2.95 22.24
C LYS A 53 -15.24 1.86 22.43
N ASN A 54 -15.34 1.31 23.64
CA ASN A 54 -16.34 0.29 23.91
C ASN A 54 -17.75 0.86 23.84
N THR A 55 -17.94 2.12 24.26
CA THR A 55 -19.25 2.76 24.08
C THR A 55 -19.58 2.94 22.61
N ILE A 56 -18.58 3.30 21.80
CA ILE A 56 -18.78 3.40 20.36
C ILE A 56 -19.21 2.06 19.79
N VAL A 57 -18.58 0.97 20.24
CA VAL A 57 -18.98 -0.37 19.80
C VAL A 57 -20.40 -0.67 20.26
N LYS A 58 -20.73 -0.31 21.51
CA LYS A 58 -22.05 -0.61 22.05
C LYS A 58 -23.15 0.08 21.27
N GLN A 59 -22.93 1.34 20.88
CA GLN A 59 -23.89 2.03 20.03
C GLN A 59 -24.14 1.25 18.74
N MET A 60 -23.06 0.82 18.09
CA MET A 60 -23.10 -0.13 16.97
C MET A 60 -23.88 0.38 15.76
N SER A 205 -10.05 -13.29 21.30
CA SER A 205 -9.22 -13.53 20.11
C SER A 205 -8.31 -12.34 19.83
N GLY A 206 -7.56 -12.41 18.73
CA GLY A 206 -6.66 -11.34 18.37
C GLY A 206 -7.35 -10.12 17.79
N ILE A 207 -8.55 -10.28 17.25
CA ILE A 207 -9.26 -9.18 16.61
C ILE A 207 -10.76 -9.45 16.70
N PHE A 208 -11.54 -8.39 16.95
CA PHE A 208 -12.98 -8.47 17.07
C PHE A 208 -13.63 -7.72 15.92
N GLU A 209 -14.77 -8.24 15.44
CA GLU A 209 -15.46 -7.68 14.28
C GLU A 209 -16.90 -7.35 14.64
N THR A 210 -17.34 -6.14 14.26
CA THR A 210 -18.72 -5.70 14.41
C THR A 210 -19.27 -5.37 13.03
N LYS A 211 -20.43 -5.92 12.70
CA LYS A 211 -21.08 -5.67 11.42
C LYS A 211 -22.31 -4.81 11.63
N PHE A 212 -22.48 -3.80 10.77
CA PHE A 212 -23.71 -3.00 10.82
C PHE A 212 -24.07 -2.54 9.42
N GLN A 213 -25.28 -2.00 9.30
CA GLN A 213 -25.85 -1.63 8.01
C GLN A 213 -26.59 -0.31 8.14
N VAL A 214 -26.34 0.61 7.21
CA VAL A 214 -27.03 1.89 7.16
C VAL A 214 -27.49 2.12 5.73
N ASP A 215 -28.80 2.34 5.54
CA ASP A 215 -29.40 2.57 4.23
C ASP A 215 -29.00 1.49 3.24
N LYS A 216 -29.09 0.23 3.70
CA LYS A 216 -28.75 -0.95 2.89
C LYS A 216 -27.29 -0.94 2.46
N VAL A 217 -26.41 -0.32 3.25
CA VAL A 217 -24.98 -0.28 2.99
C VAL A 217 -24.27 -0.98 4.14
N ASN A 218 -23.34 -1.87 3.81
CA ASN A 218 -22.74 -2.80 4.76
C ASN A 218 -21.36 -2.33 5.21
N PHE A 219 -21.18 -2.21 6.53
CA PHE A 219 -19.92 -1.82 7.14
C PHE A 219 -19.44 -2.91 8.08
N HIS A 220 -18.15 -3.22 7.99
CA HIS A 220 -17.47 -4.15 8.90
C HIS A 220 -16.37 -3.38 9.62
N MET A 221 -16.45 -3.33 10.95
CA MET A 221 -15.51 -2.60 11.78
C MET A 221 -14.67 -3.58 12.58
N PHE A 222 -13.36 -3.38 12.59
CA PHE A 222 -12.44 -4.28 13.27
C PHE A 222 -11.71 -3.54 14.37
N ASP A 223 -11.69 -4.13 15.57
CA ASP A 223 -10.93 -3.59 16.69
C ASP A 223 -9.95 -4.62 17.20
N VAL A 224 -8.80 -4.14 17.65
CA VAL A 224 -7.70 -5.00 18.05
C VAL A 224 -7.97 -5.57 19.43
N GLY A 225 -7.85 -6.89 19.57
CA GLY A 225 -8.03 -7.56 20.83
C GLY A 225 -6.72 -7.81 21.54
N ALA A 226 -6.26 -9.07 21.54
CA ALA A 226 -5.05 -9.46 22.25
C ALA A 226 -3.84 -9.25 21.35
N GLN A 227 -3.37 -8.00 21.30
CA GLN A 227 -2.09 -7.66 20.69
C GLN A 227 -1.30 -6.82 21.67
N ARG A 228 0.03 -6.92 21.56
CA ARG A 228 0.91 -6.10 22.39
C ARG A 228 0.81 -4.63 21.99
N ASP A 229 1.32 -3.76 22.86
CA ASP A 229 1.22 -2.32 22.67
C ASP A 229 2.28 -1.76 21.72
N GLU A 230 2.96 -2.60 20.95
CA GLU A 230 3.86 -2.17 19.90
C GLU A 230 3.19 -2.42 18.55
N ARG A 231 2.93 -1.35 17.80
CA ARG A 231 2.03 -1.41 16.66
C ARG A 231 2.71 -1.31 15.30
N ARG A 232 4.02 -1.04 15.24
CA ARG A 232 4.62 -0.64 13.98
C ARG A 232 4.63 -1.75 12.92
N LYS A 233 4.35 -2.99 13.29
CA LYS A 233 4.28 -4.07 12.31
C LYS A 233 2.86 -4.41 11.88
N TRP A 234 1.92 -4.57 12.82
CA TRP A 234 0.59 -5.01 12.42
C TRP A 234 -0.31 -3.88 11.90
N ILE A 235 0.00 -2.63 12.23
CA ILE A 235 -0.79 -1.51 11.70
C ILE A 235 -0.72 -1.51 10.18
N GLN A 236 0.39 -1.96 9.60
CA GLN A 236 0.55 -2.00 8.16
C GLN A 236 -0.52 -2.85 7.48
N CYS A 237 -1.15 -3.77 8.21
CA CYS A 237 -2.22 -4.58 7.62
C CYS A 237 -3.39 -3.73 7.14
N PHE A 238 -3.57 -2.53 7.69
CA PHE A 238 -4.79 -1.74 7.48
C PHE A 238 -4.57 -0.57 6.52
N ASN A 239 -3.77 -0.74 5.47
CA ASN A 239 -3.54 0.33 4.51
C ASN A 239 -4.68 0.48 3.49
N ASP A 240 -5.61 -0.47 3.42
CA ASP A 240 -6.64 -0.45 2.39
C ASP A 240 -8.04 -0.20 2.93
N VAL A 241 -8.15 0.10 4.24
CA VAL A 241 -9.48 0.34 4.80
C VAL A 241 -10.01 1.69 4.32
N THR A 242 -11.34 1.82 4.34
CA THR A 242 -11.94 3.09 3.93
C THR A 242 -11.74 4.18 4.97
N ALA A 243 -11.57 3.81 6.24
CA ALA A 243 -11.28 4.81 7.27
C ALA A 243 -10.72 4.17 8.53
N ILE A 244 -9.90 4.95 9.22
CA ILE A 244 -9.48 4.66 10.58
C ILE A 244 -10.26 5.56 11.52
N ILE A 245 -10.99 4.97 12.47
CA ILE A 245 -11.74 5.72 13.47
C ILE A 245 -10.89 5.81 14.73
N PHE A 246 -10.47 7.02 15.07
CA PHE A 246 -9.54 7.28 16.17
C PHE A 246 -10.33 7.92 17.31
N VAL A 247 -10.44 7.21 18.43
CA VAL A 247 -11.23 7.67 19.58
C VAL A 247 -10.28 8.23 20.63
N VAL A 248 -10.56 9.44 21.11
CA VAL A 248 -9.70 10.15 22.06
C VAL A 248 -10.53 10.65 23.22
N ALA A 249 -10.12 10.31 24.44
CA ALA A 249 -10.75 10.84 25.65
C ALA A 249 -10.19 12.25 25.89
N SER A 250 -11.01 13.26 25.59
CA SER A 250 -10.54 14.64 25.62
C SER A 250 -10.50 15.23 27.03
N SER A 251 -11.17 14.60 28.00
CA SER A 251 -11.19 15.14 29.36
C SER A 251 -9.89 14.87 30.12
N SER A 252 -9.09 13.90 29.67
CA SER A 252 -7.91 13.48 30.41
C SER A 252 -6.66 14.24 29.99
N TYR A 253 -6.72 15.56 30.00
CA TYR A 253 -5.52 16.35 29.74
C TYR A 253 -4.60 16.39 30.96
N ASN A 254 -5.15 16.25 32.16
CA ASN A 254 -4.36 16.29 33.39
C ASN A 254 -4.01 14.89 33.88
N GLN A 262 -0.24 7.87 33.54
CA GLN A 262 0.73 8.59 32.73
C GLN A 262 0.60 10.09 32.94
N THR A 263 -0.61 10.51 33.35
CA THR A 263 -0.99 11.86 33.75
C THR A 263 -0.98 12.87 32.59
N ASN A 264 -0.57 12.48 31.39
CA ASN A 264 -0.77 13.31 30.20
C ASN A 264 -1.14 12.36 29.06
N ARG A 265 -2.44 12.07 28.93
CA ARG A 265 -2.89 11.14 27.90
C ARG A 265 -3.17 11.84 26.58
N LEU A 266 -3.51 13.13 26.64
CA LEU A 266 -3.76 13.89 25.42
C LEU A 266 -2.49 13.98 24.57
N GLN A 267 -1.34 14.23 25.21
CA GLN A 267 -0.09 14.29 24.47
C GLN A 267 0.26 12.94 23.86
N ALA A 268 -0.01 11.84 24.57
CA ALA A 268 0.23 10.52 24.01
C ALA A 268 -0.67 10.25 22.80
N ALA A 269 -1.94 10.66 22.89
CA ALA A 269 -2.83 10.52 21.75
C ALA A 269 -2.34 11.35 20.57
N LEU A 270 -1.82 12.55 20.83
CA LEU A 270 -1.30 13.38 19.74
C LEU A 270 -0.06 12.74 19.10
N LYS A 271 0.83 12.16 19.90
CA LYS A 271 1.98 11.45 19.34
C LYS A 271 1.56 10.27 18.48
N LEU A 272 0.59 9.47 18.97
CA LEU A 272 0.13 8.33 18.18
C LEU A 272 -0.54 8.79 16.89
N PHE A 273 -1.33 9.86 16.96
CA PHE A 273 -1.96 10.42 15.77
C PHE A 273 -0.92 10.87 14.76
N ASP A 274 0.15 11.54 15.23
CA ASP A 274 1.20 11.97 14.32
C ASP A 274 1.89 10.79 13.65
N SER A 275 2.16 9.73 14.43
CA SER A 275 2.79 8.54 13.87
C SER A 275 1.91 7.90 12.80
N ILE A 276 0.60 7.80 13.07
CA ILE A 276 -0.31 7.21 12.09
C ILE A 276 -0.39 8.07 10.83
N TRP A 277 -0.50 9.39 11.02
CA TRP A 277 -0.68 10.30 9.90
C TRP A 277 0.55 10.35 8.99
N ASN A 278 1.75 10.15 9.54
CA ASN A 278 2.96 10.28 8.75
C ASN A 278 3.58 8.94 8.35
N ASN A 279 2.89 7.82 8.59
CA ASN A 279 3.40 6.53 8.15
C ASN A 279 3.37 6.42 6.63
N LYS A 280 4.45 5.87 6.06
CA LYS A 280 4.59 5.79 4.61
C LYS A 280 3.56 4.87 3.96
N TRP A 281 3.05 3.87 4.68
CA TRP A 281 2.08 2.94 4.12
C TRP A 281 0.63 3.38 4.35
N LEU A 282 0.40 4.40 5.18
CA LEU A 282 -0.93 4.93 5.43
C LEU A 282 -1.11 6.31 4.79
N ARG A 283 -0.40 6.56 3.69
CA ARG A 283 -0.41 7.88 3.05
C ARG A 283 -1.72 8.18 2.33
N ASP A 284 -2.60 7.19 2.18
CA ASP A 284 -3.86 7.38 1.48
C ASP A 284 -5.07 7.03 2.34
N THR A 285 -4.89 6.91 3.66
CA THR A 285 -5.95 6.50 4.57
C THR A 285 -6.47 7.68 5.35
N SER A 286 -7.79 7.87 5.34
CA SER A 286 -8.44 8.95 6.05
C SER A 286 -8.79 8.54 7.48
N VAL A 287 -8.93 9.54 8.34
CA VAL A 287 -9.15 9.36 9.76
C VAL A 287 -10.43 10.08 10.17
N ILE A 288 -11.31 9.38 10.87
CA ILE A 288 -12.47 9.97 11.53
C ILE A 288 -12.16 10.08 13.01
N LEU A 289 -12.08 11.31 13.51
CA LEU A 289 -11.62 11.56 14.87
C LEU A 289 -12.83 11.81 15.78
N PHE A 290 -12.96 10.98 16.81
CA PHE A 290 -14.04 11.10 17.80
C PHE A 290 -13.46 11.59 19.11
N LEU A 291 -13.73 12.86 19.44
CA LEU A 291 -13.32 13.45 20.72
C LEU A 291 -14.43 13.17 21.73
N ASN A 292 -14.24 12.14 22.55
CA ASN A 292 -15.25 11.61 23.44
C ASN A 292 -15.19 12.32 24.80
N LYS A 293 -16.24 12.08 25.60
CA LYS A 293 -16.34 12.55 26.98
C LYS A 293 -16.30 14.09 27.06
N GLN A 294 -17.29 14.69 26.41
CA GLN A 294 -17.44 16.15 26.49
C GLN A 294 -18.05 16.59 27.81
N ASP A 295 -18.90 15.75 28.42
CA ASP A 295 -19.49 16.11 29.70
C ASP A 295 -18.43 16.26 30.78
N LEU A 296 -17.47 15.33 30.83
CA LEU A 296 -16.40 15.42 31.81
C LEU A 296 -15.53 16.66 31.56
N LEU A 297 -15.25 16.96 30.29
CA LEU A 297 -14.50 18.16 29.97
C LEU A 297 -15.21 19.42 30.46
N ALA A 298 -16.53 19.51 30.21
CA ALA A 298 -17.29 20.66 30.67
C ALA A 298 -17.29 20.76 32.19
N GLU A 299 -17.49 19.62 32.86
CA GLU A 299 -17.55 19.62 34.32
C GLU A 299 -16.20 20.01 34.92
N LYS A 300 -15.10 19.60 34.30
CA LYS A 300 -13.79 19.99 34.81
C LYS A 300 -13.43 21.43 34.47
N VAL A 301 -13.91 21.95 33.34
CA VAL A 301 -13.64 23.34 32.99
C VAL A 301 -14.40 24.29 33.91
N LEU A 302 -15.68 24.01 34.14
CA LEU A 302 -16.50 24.91 34.95
C LEU A 302 -15.97 25.00 36.38
N ALA A 303 -15.62 23.86 36.97
CA ALA A 303 -15.00 23.83 38.29
C ALA A 303 -13.50 23.84 38.07
N GLY A 304 -12.92 25.04 38.03
CA GLY A 304 -11.54 25.20 37.63
C GLY A 304 -10.53 24.72 38.65
N LYS A 305 -10.64 23.45 39.04
CA LYS A 305 -9.66 22.87 39.95
C LYS A 305 -8.35 22.58 39.24
N SER A 306 -8.43 22.09 38.00
CA SER A 306 -7.25 21.77 37.19
C SER A 306 -7.31 22.56 35.90
N LYS A 307 -6.24 23.29 35.61
CA LYS A 307 -6.19 24.17 34.44
C LYS A 307 -5.62 23.43 33.24
N ILE A 308 -6.21 23.68 32.07
CA ILE A 308 -5.64 23.17 30.83
C ILE A 308 -4.29 23.81 30.58
N GLU A 309 -4.09 25.03 31.04
CA GLU A 309 -2.78 25.66 31.02
C GLU A 309 -1.78 24.82 31.82
N ASP A 310 -0.50 25.05 31.55
CA ASP A 310 0.70 24.48 32.16
C ASP A 310 0.85 23.00 31.82
N TYR A 311 -0.13 22.44 31.11
CA TYR A 311 0.10 21.29 30.24
C TYR A 311 0.17 21.66 28.77
N PHE A 312 -0.56 22.69 28.36
CA PHE A 312 -0.48 23.27 27.03
C PHE A 312 -0.36 24.78 27.21
N PRO A 313 0.86 25.30 27.35
CA PRO A 313 1.03 26.74 27.62
C PRO A 313 0.50 27.64 26.51
N GLU A 314 0.31 27.12 25.29
CA GLU A 314 -0.25 27.94 24.21
C GLU A 314 -1.71 28.28 24.44
N PHE A 315 -2.41 27.53 25.31
CA PHE A 315 -3.82 27.75 25.55
C PHE A 315 -4.11 29.16 26.06
N ALA A 316 -3.12 29.83 26.64
CA ALA A 316 -3.31 31.21 27.07
C ALA A 316 -3.60 32.13 25.89
N ARG A 317 -2.90 31.93 24.77
CA ARG A 317 -3.01 32.79 23.60
C ARG A 317 -4.00 32.27 22.57
N TYR A 318 -4.97 31.45 22.99
CA TYR A 318 -5.93 30.84 22.08
C TYR A 318 -7.28 31.54 22.19
N THR A 319 -7.89 31.81 21.04
CA THR A 319 -9.21 32.40 20.96
C THR A 319 -10.13 31.47 20.19
N THR A 320 -11.37 31.36 20.65
CA THR A 320 -12.35 30.51 19.99
C THR A 320 -12.57 30.97 18.55
N PRO A 321 -12.57 30.06 17.58
CA PRO A 321 -12.79 30.46 16.19
C PRO A 321 -14.14 31.12 15.99
N GLU A 322 -14.18 32.09 15.07
CA GLU A 322 -15.41 32.81 14.78
C GLU A 322 -16.49 31.92 14.17
N ASP A 323 -16.10 30.78 13.59
CA ASP A 323 -17.05 29.86 12.98
C ASP A 323 -17.51 28.76 13.92
N ALA A 324 -17.12 28.82 15.19
CA ALA A 324 -17.50 27.79 16.15
C ALA A 324 -19.00 27.83 16.40
N THR A 325 -19.60 26.65 16.51
CA THR A 325 -21.03 26.53 16.77
C THR A 325 -21.23 25.83 18.11
N PRO A 326 -21.36 26.56 19.21
CA PRO A 326 -21.52 25.92 20.52
C PRO A 326 -22.90 25.29 20.68
N GLU A 327 -22.93 24.21 21.44
CA GLU A 327 -24.20 23.58 21.78
C GLU A 327 -25.00 24.50 22.70
N PRO A 328 -26.32 24.41 22.67
CA PRO A 328 -27.13 25.23 23.58
C PRO A 328 -26.78 24.94 25.04
N GLY A 329 -26.75 26.00 25.84
CA GLY A 329 -26.37 25.87 27.23
C GLY A 329 -24.93 25.49 27.46
N GLU A 330 -24.00 26.07 26.70
CA GLU A 330 -22.57 25.84 26.87
C GLU A 330 -21.90 27.13 27.31
N ASP A 331 -21.14 27.05 28.40
CA ASP A 331 -20.30 28.17 28.80
C ASP A 331 -19.25 28.41 27.73
N PRO A 332 -18.88 29.68 27.46
CA PRO A 332 -17.85 29.94 26.44
C PRO A 332 -16.52 29.28 26.75
N ARG A 333 -16.20 29.05 28.02
CA ARG A 333 -14.95 28.38 28.37
C ARG A 333 -14.92 26.94 27.86
N VAL A 334 -16.05 26.24 27.98
CA VAL A 334 -16.12 24.85 27.49
C VAL A 334 -15.92 24.79 25.98
N THR A 335 -16.57 25.71 25.25
CA THR A 335 -16.40 25.78 23.80
C THR A 335 -14.95 26.08 23.45
N ARG A 336 -14.33 27.00 24.18
CA ARG A 336 -12.93 27.33 23.94
C ARG A 336 -12.03 26.11 24.13
N ALA A 337 -12.27 25.35 25.20
CA ALA A 337 -11.46 24.16 25.46
C ALA A 337 -11.65 23.10 24.38
N LYS A 338 -12.91 22.84 24.00
CA LYS A 338 -13.18 21.86 22.95
C LYS A 338 -12.47 22.21 21.66
N TYR A 339 -12.57 23.47 21.25
CA TYR A 339 -12.01 23.86 19.96
C TYR A 339 -10.48 23.93 20.01
N PHE A 340 -9.90 24.27 21.16
CA PHE A 340 -8.45 24.18 21.30
C PHE A 340 -7.98 22.74 21.13
N ILE A 341 -8.67 21.79 21.76
CA ILE A 341 -8.27 20.39 21.65
C ILE A 341 -8.40 19.92 20.21
N ARG A 342 -9.49 20.29 19.53
CA ARG A 342 -9.66 19.92 18.12
C ARG A 342 -8.57 20.54 17.25
N ASP A 343 -8.21 21.79 17.50
CA ASP A 343 -7.18 22.45 16.72
C ASP A 343 -5.82 21.81 16.93
N GLU A 344 -5.59 21.20 18.10
CA GLU A 344 -4.35 20.45 18.32
C GLU A 344 -4.18 19.35 17.28
N PHE A 345 -5.24 18.59 17.01
CA PHE A 345 -5.17 17.54 16.00
C PHE A 345 -5.15 18.11 14.59
N LEU A 346 -5.91 19.18 14.35
CA LEU A 346 -5.92 19.79 13.03
C LEU A 346 -4.56 20.37 12.65
N ARG A 347 -3.77 20.77 13.65
CA ARG A 347 -2.42 21.26 13.36
C ARG A 347 -1.56 20.17 12.72
N ILE A 348 -1.70 18.93 13.20
CA ILE A 348 -0.95 17.82 12.61
C ILE A 348 -1.55 17.43 11.27
N SER A 349 -2.88 17.32 11.19
CA SER A 349 -3.51 16.74 10.01
C SER A 349 -3.51 17.65 8.79
N THR A 350 -3.42 18.97 8.98
CA THR A 350 -3.43 19.90 7.84
C THR A 350 -2.04 20.26 7.35
N ALA A 351 -0.99 19.73 7.97
CA ALA A 351 0.38 20.04 7.54
C ALA A 351 0.92 19.06 6.51
N SER A 352 0.31 17.88 6.36
CA SER A 352 0.79 16.87 5.43
C SER A 352 -0.39 16.21 4.74
N GLY A 353 -0.13 15.65 3.56
CA GLY A 353 -1.14 14.87 2.87
C GLY A 353 -1.26 15.15 1.38
N ASP A 354 -1.07 16.41 0.98
CA ASP A 354 -1.22 16.83 -0.41
C ASP A 354 -2.60 16.48 -0.96
N GLY A 355 -3.63 16.55 -0.12
CA GLY A 355 -4.97 16.26 -0.56
C GLY A 355 -5.29 14.81 -0.77
N ARG A 356 -4.40 13.90 -0.37
CA ARG A 356 -4.64 12.47 -0.56
C ARG A 356 -5.45 11.84 0.56
N HIS A 357 -5.57 12.50 1.71
CA HIS A 357 -6.36 11.98 2.81
C HIS A 357 -6.59 13.10 3.82
N TYR A 358 -7.70 13.01 4.54
CA TYR A 358 -8.17 14.09 5.39
C TYR A 358 -8.56 13.54 6.75
N CYS A 359 -8.86 14.46 7.67
CA CYS A 359 -9.32 14.14 9.01
C CYS A 359 -10.72 14.75 9.21
N TYR A 360 -11.61 13.97 9.83
CA TYR A 360 -13.00 14.37 10.07
C TYR A 360 -13.27 14.34 11.56
N PRO A 361 -13.11 15.46 12.27
CA PRO A 361 -13.34 15.46 13.72
C PRO A 361 -14.80 15.65 14.09
N HIS A 362 -15.17 15.04 15.22
CA HIS A 362 -16.52 15.13 15.77
C HIS A 362 -16.46 15.18 17.28
N PHE A 363 -17.47 15.79 17.88
CA PHE A 363 -17.64 15.80 19.33
C PHE A 363 -18.77 14.84 19.71
N THR A 364 -18.46 13.88 20.58
CA THR A 364 -19.42 12.87 20.99
C THR A 364 -19.43 12.75 22.50
N CYS A 365 -20.63 12.67 23.08
CA CYS A 365 -20.76 12.31 24.49
C CYS A 365 -21.50 11.00 24.69
N ALA A 366 -22.78 10.91 24.29
CA ALA A 366 -23.52 9.64 24.35
C ALA A 366 -24.74 9.74 23.44
N VAL A 367 -24.64 9.18 22.24
CA VAL A 367 -25.79 9.01 21.35
C VAL A 367 -25.66 7.67 20.65
N ASP A 368 -26.76 6.90 20.62
CA ASP A 368 -26.71 5.56 20.06
C ASP A 368 -26.66 5.58 18.53
N THR A 369 -27.46 6.44 17.89
CA THR A 369 -27.65 6.38 16.45
C THR A 369 -26.98 7.52 15.69
N GLU A 370 -26.47 8.55 16.39
CA GLU A 370 -25.83 9.65 15.68
C GLU A 370 -24.42 9.29 15.21
N ASN A 371 -23.71 8.43 15.95
CA ASN A 371 -22.33 8.14 15.62
C ASN A 371 -22.23 7.32 14.33
N ILE A 372 -23.12 6.35 14.14
CA ILE A 372 -23.10 5.56 12.90
C ILE A 372 -23.50 6.43 11.72
N ARG A 373 -24.44 7.36 11.93
CA ARG A 373 -24.80 8.29 10.87
C ARG A 373 -23.62 9.19 10.49
N ARG A 374 -22.87 9.65 11.50
CA ARG A 374 -21.67 10.44 11.23
C ARG A 374 -20.64 9.64 10.44
N VAL A 375 -20.45 8.38 10.81
CA VAL A 375 -19.50 7.53 10.08
C VAL A 375 -19.96 7.34 8.64
N PHE A 376 -21.27 7.11 8.44
CA PHE A 376 -21.83 6.97 7.10
C PHE A 376 -21.57 8.20 6.25
N ASN A 377 -21.86 9.38 6.81
CA ASN A 377 -21.64 10.62 6.05
C ASN A 377 -20.16 10.85 5.77
N ASP A 378 -19.29 10.55 6.73
CA ASP A 378 -17.86 10.71 6.51
C ASP A 378 -17.35 9.80 5.40
N CYS A 379 -17.81 8.54 5.38
CA CYS A 379 -17.41 7.63 4.32
C CYS A 379 -17.90 8.12 2.97
N ARG A 380 -19.13 8.62 2.91
CA ARG A 380 -19.64 9.17 1.65
C ARG A 380 -18.77 10.33 1.18
N ASP A 381 -18.38 11.22 2.12
CA ASP A 381 -17.51 12.33 1.76
C ASP A 381 -16.15 11.85 1.27
N ILE A 382 -15.60 10.80 1.90
CA ILE A 382 -14.30 10.29 1.49
C ILE A 382 -14.35 9.77 0.06
N ILE A 383 -15.39 8.99 -0.26
CA ILE A 383 -15.52 8.46 -1.61
C ILE A 383 -15.71 9.59 -2.62
N GLN A 384 -16.56 10.57 -2.28
CA GLN A 384 -16.81 11.68 -3.19
C GLN A 384 -15.54 12.48 -3.45
N ARG A 385 -14.75 12.74 -2.42
CA ARG A 385 -13.52 13.52 -2.60
C ARG A 385 -12.51 12.75 -3.44
N MET A 386 -12.42 11.43 -3.25
CA MET A 386 -11.52 10.66 -4.10
C MET A 386 -11.93 10.72 -5.56
N HIS A 387 -13.23 10.57 -5.84
CA HIS A 387 -13.70 10.65 -7.22
C HIS A 387 -13.47 12.05 -7.81
N LEU A 388 -13.73 13.09 -7.02
CA LEU A 388 -13.54 14.45 -7.51
C LEU A 388 -12.07 14.73 -7.80
N ARG A 389 -11.17 14.22 -6.97
CA ARG A 389 -9.75 14.39 -7.22
C ARG A 389 -9.31 13.63 -8.48
N GLN A 390 -9.94 12.48 -8.75
CA GLN A 390 -9.61 11.76 -9.97
C GLN A 390 -9.89 12.60 -11.22
N TYR A 391 -10.99 13.36 -11.21
CA TYR A 391 -11.45 14.09 -12.38
C TYR A 391 -10.88 15.50 -12.47
N GLU A 392 -9.90 15.83 -11.61
CA GLU A 392 -9.29 17.16 -11.55
C GLU A 392 -10.28 18.26 -11.21
N LEU A 393 -11.35 17.93 -10.49
CA LEU A 393 -12.28 18.93 -9.98
C LEU A 393 -11.95 19.38 -8.57
N LEU A 394 -10.90 18.83 -7.95
CA LEU A 394 -10.52 19.18 -6.59
C LEU A 394 -9.02 19.43 -6.50
N SER B 13 22.04 -2.92 43.84
CA SER B 13 22.83 -3.93 44.53
C SER B 13 23.13 -5.12 43.62
N GLU B 14 22.34 -6.19 43.76
CA GLU B 14 22.55 -7.39 42.95
C GLU B 14 22.26 -7.13 41.48
N LEU B 15 21.30 -6.24 41.18
CA LEU B 15 21.01 -5.91 39.79
C LEU B 15 22.21 -5.28 39.10
N ASP B 16 22.91 -4.38 39.79
CA ASP B 16 24.10 -3.76 39.21
C ASP B 16 25.22 -4.79 39.01
N GLN B 17 25.36 -5.71 39.97
CA GLN B 17 26.37 -6.77 39.83
C GLN B 17 26.06 -7.66 38.63
N LEU B 18 24.79 -8.00 38.44
CA LEU B 18 24.40 -8.80 37.28
C LEU B 18 24.63 -8.05 35.98
N ARG B 19 24.35 -6.74 35.97
CA ARG B 19 24.65 -5.92 34.80
C ARG B 19 26.14 -5.94 34.47
N GLN B 20 26.99 -5.82 35.50
CA GLN B 20 28.43 -5.88 35.29
C GLN B 20 28.86 -7.24 34.75
N GLU B 21 28.29 -8.32 35.30
CA GLU B 21 28.59 -9.65 34.79
C GLU B 21 28.22 -9.77 33.31
N ALA B 22 27.03 -9.27 32.95
CA ALA B 22 26.59 -9.34 31.56
C ALA B 22 27.51 -8.55 30.64
N GLU B 23 27.91 -7.35 31.07
CA GLU B 23 28.81 -6.55 30.25
C GLU B 23 30.16 -7.24 30.06
N GLN B 24 30.70 -7.82 31.13
CA GLN B 24 31.97 -8.52 31.02
C GLN B 24 31.86 -9.74 30.10
N LEU B 25 30.75 -10.47 30.20
CA LEU B 25 30.56 -11.64 29.33
C LEU B 25 30.44 -11.23 27.87
N LYS B 26 29.72 -10.14 27.59
CA LYS B 26 29.64 -9.66 26.22
C LYS B 26 31.02 -9.24 25.71
N ASN B 27 31.81 -8.58 26.56
CA ASN B 27 33.17 -8.20 26.15
C ASN B 27 34.01 -9.43 25.83
N GLN B 28 33.90 -10.47 26.66
CA GLN B 28 34.66 -11.70 26.43
C GLN B 28 34.24 -12.38 25.13
N ILE B 29 32.93 -12.42 24.87
CA ILE B 29 32.45 -13.03 23.63
C ILE B 29 32.93 -12.25 22.42
N ARG B 30 32.89 -10.91 22.49
CA ARG B 30 33.37 -10.11 21.37
C ARG B 30 34.87 -10.33 21.16
N ASP B 31 35.63 -10.47 22.25
CA ASP B 31 37.05 -10.74 22.14
C ASP B 31 37.30 -12.08 21.46
N ALA B 32 36.54 -13.11 21.82
CA ALA B 32 36.70 -14.41 21.16
C ALA B 32 36.36 -14.31 19.67
N ARG B 33 35.29 -13.59 19.32
CA ARG B 33 34.92 -13.43 17.93
C ARG B 33 36.01 -12.71 17.14
N LYS B 34 36.59 -11.66 17.73
CA LYS B 34 37.69 -10.97 17.08
C LYS B 34 38.91 -11.86 16.96
N ALA B 35 39.14 -12.74 17.94
CA ALA B 35 40.26 -13.67 17.86
C ALA B 35 40.10 -14.65 16.71
N CYS B 36 38.86 -15.08 16.43
CA CYS B 36 38.66 -16.04 15.35
C CYS B 36 38.66 -15.42 13.96
N ALA B 37 38.56 -14.09 13.85
CA ALA B 37 38.44 -13.42 12.56
C ALA B 37 39.82 -13.13 11.99
N ASP B 38 40.45 -14.18 11.46
CA ASP B 38 41.78 -14.02 10.87
C ASP B 38 41.73 -13.37 9.49
N ALA B 39 40.70 -13.66 8.70
CA ALA B 39 40.57 -13.11 7.36
C ALA B 39 39.10 -12.75 7.13
N THR B 40 38.76 -12.45 5.87
CA THR B 40 37.40 -12.11 5.49
C THR B 40 36.98 -12.94 4.29
N LEU B 41 35.70 -12.85 3.94
CA LEU B 41 35.19 -13.51 2.75
C LEU B 41 35.59 -12.76 1.48
N SER B 42 35.73 -11.44 1.56
CA SER B 42 36.09 -10.66 0.37
C SER B 42 37.52 -10.96 -0.07
N GLN B 43 38.46 -11.05 0.87
CA GLN B 43 39.84 -11.34 0.51
C GLN B 43 39.99 -12.72 -0.11
N ILE B 44 39.28 -13.71 0.44
CA ILE B 44 39.40 -15.08 -0.05
C ILE B 44 38.77 -15.23 -1.43
N THR B 45 37.64 -14.59 -1.68
CA THR B 45 36.97 -14.67 -2.97
C THR B 45 37.45 -13.60 -3.96
N ASN B 46 38.65 -13.07 -3.75
CA ASN B 46 39.14 -12.01 -4.62
C ASN B 46 39.41 -12.51 -6.04
N ASN B 47 39.88 -13.74 -6.19
CA ASN B 47 40.28 -14.28 -7.48
C ASN B 47 39.20 -15.08 -8.17
N ILE B 48 38.00 -15.12 -7.62
CA ILE B 48 36.88 -15.83 -8.22
C ILE B 48 36.28 -14.99 -9.33
N ASP B 49 35.97 -15.63 -10.46
CA ASP B 49 35.35 -14.92 -11.57
C ASP B 49 33.91 -14.55 -11.22
N PRO B 50 33.45 -13.38 -11.65
CA PRO B 50 32.07 -12.96 -11.37
C PRO B 50 31.07 -13.78 -12.16
N VAL B 51 29.82 -13.79 -11.65
CA VAL B 51 28.75 -14.49 -12.33
C VAL B 51 28.41 -13.81 -13.65
N GLY B 52 28.52 -12.49 -13.69
CA GLY B 52 28.18 -11.75 -14.90
C GLY B 52 26.84 -11.06 -14.80
N ARG B 53 26.08 -11.06 -15.90
CA ARG B 53 24.78 -10.43 -15.95
C ARG B 53 23.68 -11.48 -15.89
N ILE B 54 22.79 -11.34 -14.92
CA ILE B 54 21.64 -12.22 -14.76
C ILE B 54 20.42 -11.47 -15.27
N GLN B 55 19.81 -11.98 -16.33
CA GLN B 55 18.65 -11.35 -16.97
C GLN B 55 17.51 -12.35 -16.96
N MET B 56 16.75 -12.37 -15.88
CA MET B 56 15.57 -13.21 -15.76
C MET B 56 14.36 -12.48 -16.33
N ARG B 57 13.45 -13.25 -16.91
CA ARG B 57 12.23 -12.72 -17.48
C ARG B 57 11.01 -13.41 -16.89
N THR B 58 9.88 -12.72 -17.00
CA THR B 58 8.60 -13.20 -16.48
C THR B 58 7.98 -14.19 -17.45
N ARG B 59 7.69 -15.40 -16.97
CA ARG B 59 7.06 -16.42 -17.78
C ARG B 59 5.57 -16.59 -17.49
N ARG B 60 5.14 -16.36 -16.26
CA ARG B 60 3.74 -16.47 -15.89
C ARG B 60 3.34 -15.30 -15.03
N THR B 61 2.06 -14.94 -15.09
CA THR B 61 1.45 -13.95 -14.21
C THR B 61 0.13 -14.51 -13.73
N LEU B 62 0.03 -14.79 -12.43
CA LEU B 62 -1.14 -15.43 -11.85
C LEU B 62 -2.07 -14.36 -11.31
N ARG B 63 -3.28 -14.31 -11.84
CA ARG B 63 -4.29 -13.31 -11.48
C ARG B 63 -5.47 -13.99 -10.81
N GLY B 64 -6.12 -13.26 -9.90
CA GLY B 64 -7.29 -13.79 -9.23
C GLY B 64 -7.49 -13.35 -7.79
N HIS B 65 -6.42 -12.89 -7.14
CA HIS B 65 -6.55 -12.34 -5.80
C HIS B 65 -7.13 -10.94 -5.86
N LEU B 66 -8.04 -10.64 -4.92
CA LEU B 66 -8.70 -9.34 -4.90
C LEU B 66 -7.89 -8.27 -4.18
N ALA B 67 -7.15 -8.64 -3.14
CA ALA B 67 -6.40 -7.67 -2.35
C ALA B 67 -4.93 -8.04 -2.28
N LYS B 68 -4.17 -7.33 -1.45
CA LYS B 68 -2.72 -7.55 -1.39
C LYS B 68 -2.40 -8.93 -0.87
N ILE B 69 -1.34 -9.52 -1.42
CA ILE B 69 -0.83 -10.82 -1.02
C ILE B 69 0.27 -10.62 0.02
N TYR B 70 0.23 -11.40 1.10
CA TYR B 70 1.39 -11.38 2.00
C TYR B 70 2.34 -12.56 1.88
N ALA B 71 1.88 -13.75 1.53
CA ALA B 71 2.78 -14.89 1.64
C ALA B 71 2.50 -15.89 0.54
N MET B 72 3.52 -16.70 0.24
CA MET B 72 3.37 -17.84 -0.65
C MET B 72 4.41 -18.89 -0.27
N HIS B 73 4.20 -20.11 -0.75
CA HIS B 73 5.13 -21.20 -0.48
C HIS B 73 5.02 -22.24 -1.58
N TRP B 74 6.17 -22.70 -2.09
CA TRP B 74 6.21 -23.74 -3.11
C TRP B 74 5.96 -25.11 -2.51
N GLY B 75 5.30 -25.98 -3.27
CA GLY B 75 5.27 -27.38 -2.94
C GLY B 75 6.59 -28.06 -3.26
N THR B 76 6.81 -29.23 -2.64
CA THR B 76 8.07 -29.94 -2.85
C THR B 76 8.20 -30.52 -4.24
N ASP B 77 7.11 -30.59 -5.02
CA ASP B 77 7.18 -31.07 -6.39
C ASP B 77 7.64 -30.00 -7.37
N SER B 78 7.81 -28.77 -6.91
CA SER B 78 8.25 -27.63 -7.72
C SER B 78 7.25 -27.26 -8.81
N ARG B 79 5.99 -27.69 -8.68
CA ARG B 79 4.96 -27.36 -9.65
C ARG B 79 3.79 -26.59 -9.04
N LEU B 80 3.23 -27.08 -7.94
CA LEU B 80 2.12 -26.40 -7.30
C LEU B 80 2.63 -25.35 -6.30
N LEU B 81 1.79 -24.36 -6.01
CA LEU B 81 2.13 -23.39 -4.98
C LEU B 81 0.86 -22.85 -4.33
N VAL B 82 1.02 -22.25 -3.15
CA VAL B 82 -0.08 -21.70 -2.38
C VAL B 82 0.22 -20.23 -2.09
N SER B 83 -0.82 -19.38 -2.14
CA SER B 83 -0.68 -17.97 -1.88
C SER B 83 -1.80 -17.49 -0.97
N ALA B 84 -1.48 -16.51 -0.11
CA ALA B 84 -2.39 -15.98 0.89
C ALA B 84 -2.61 -14.49 0.66
N SER B 85 -3.88 -14.10 0.54
CA SER B 85 -4.22 -12.69 0.34
C SER B 85 -5.18 -12.23 1.43
N GLN B 86 -5.10 -10.95 1.76
CA GLN B 86 -5.95 -10.35 2.78
C GLN B 86 -7.34 -9.98 2.27
N ASP B 87 -7.75 -10.56 1.14
CA ASP B 87 -9.16 -10.60 0.77
C ASP B 87 -9.87 -11.78 1.42
N GLY B 88 -9.15 -12.58 2.21
CA GLY B 88 -9.69 -13.75 2.84
C GLY B 88 -9.51 -15.04 2.07
N LYS B 89 -8.58 -15.10 1.14
CA LYS B 89 -8.45 -16.25 0.25
C LYS B 89 -7.08 -16.90 0.36
N LEU B 90 -7.08 -18.23 0.36
CA LEU B 90 -5.90 -19.04 0.15
C LEU B 90 -6.06 -19.77 -1.18
N ILE B 91 -5.19 -19.48 -2.14
CA ILE B 91 -5.35 -20.02 -3.50
C ILE B 91 -4.18 -20.94 -3.81
N ILE B 92 -4.48 -22.14 -4.30
CA ILE B 92 -3.47 -23.11 -4.71
C ILE B 92 -3.48 -23.20 -6.23
N TRP B 93 -2.33 -22.87 -6.83
CA TRP B 93 -2.13 -22.77 -8.26
C TRP B 93 -1.27 -23.91 -8.78
N ASP B 94 -1.59 -24.35 -10.00
CA ASP B 94 -0.71 -25.16 -10.82
C ASP B 94 0.11 -24.19 -11.66
N SER B 95 1.38 -23.98 -11.28
CA SER B 95 2.21 -23.01 -11.98
C SER B 95 2.40 -23.38 -13.44
N TYR B 96 2.28 -24.66 -13.76
CA TYR B 96 2.26 -25.07 -15.16
C TYR B 96 0.82 -24.89 -15.64
N THR B 97 0.63 -24.17 -16.74
CA THR B 97 -0.64 -23.91 -17.39
C THR B 97 -1.52 -22.90 -16.63
N THR B 98 -1.09 -22.40 -15.46
CA THR B 98 -1.65 -21.25 -14.76
C THR B 98 -3.00 -21.56 -14.09
N ASN B 99 -3.57 -22.73 -14.31
CA ASN B 99 -4.90 -23.03 -13.79
C ASN B 99 -4.92 -23.06 -12.26
N LYS B 100 -6.03 -22.60 -11.68
CA LYS B 100 -6.22 -22.66 -10.24
C LYS B 100 -6.70 -24.05 -9.83
N VAL B 101 -6.06 -24.61 -8.81
CA VAL B 101 -6.39 -25.94 -8.31
C VAL B 101 -7.34 -25.85 -7.12
N HIS B 102 -7.14 -24.90 -6.22
CA HIS B 102 -8.00 -24.79 -5.05
C HIS B 102 -8.18 -23.32 -4.67
N ALA B 103 -9.32 -23.01 -4.05
CA ALA B 103 -9.60 -21.68 -3.51
C ALA B 103 -10.33 -21.86 -2.18
N ILE B 104 -9.67 -21.49 -1.09
CA ILE B 104 -10.14 -21.74 0.27
C ILE B 104 -10.53 -20.41 0.90
N PRO B 105 -11.77 -20.25 1.34
CA PRO B 105 -12.15 -19.05 2.10
C PRO B 105 -11.85 -19.22 3.59
N LEU B 106 -11.32 -18.17 4.19
CA LEU B 106 -10.87 -18.20 5.58
C LEU B 106 -11.90 -17.54 6.49
N ARG B 107 -11.90 -17.94 7.77
CA ARG B 107 -12.79 -17.33 8.74
C ARG B 107 -12.39 -15.89 9.04
N SER B 108 -11.09 -15.62 9.10
CA SER B 108 -10.56 -14.28 9.30
C SER B 108 -9.72 -13.89 8.10
N SER B 109 -9.94 -12.67 7.60
CA SER B 109 -9.30 -12.22 6.38
C SER B 109 -7.91 -11.62 6.59
N TRP B 110 -7.50 -11.40 7.83
CA TRP B 110 -6.23 -10.73 8.11
C TRP B 110 -5.10 -11.75 8.24
N VAL B 111 -4.92 -12.52 7.17
CA VAL B 111 -3.90 -13.57 7.13
C VAL B 111 -2.55 -12.95 6.81
N MET B 112 -1.49 -13.46 7.44
CA MET B 112 -0.15 -12.94 7.26
C MET B 112 0.89 -13.97 6.90
N THR B 113 0.55 -15.26 6.89
CA THR B 113 1.51 -16.30 6.55
C THR B 113 0.77 -17.53 6.04
N CYS B 114 1.47 -18.34 5.25
CA CYS B 114 0.95 -19.61 4.79
C CYS B 114 2.11 -20.57 4.58
N ALA B 115 1.81 -21.86 4.66
CA ALA B 115 2.82 -22.91 4.50
C ALA B 115 2.19 -24.10 3.79
N TYR B 116 3.03 -24.85 3.08
CA TYR B 116 2.56 -25.99 2.30
C TYR B 116 3.36 -27.20 2.77
N ALA B 117 2.66 -28.24 3.22
CA ALA B 117 3.34 -29.39 3.81
C ALA B 117 4.20 -30.13 2.79
N PRO B 118 5.34 -30.67 3.21
CA PRO B 118 6.21 -31.39 2.26
C PRO B 118 5.53 -32.59 1.61
N SER B 119 4.66 -33.30 2.34
CA SER B 119 3.94 -34.42 1.75
C SER B 119 2.92 -33.99 0.72
N GLY B 120 2.53 -32.72 0.72
CA GLY B 120 1.54 -32.22 -0.22
C GLY B 120 0.10 -32.40 0.20
N ASN B 121 -0.15 -32.91 1.41
CA ASN B 121 -1.51 -33.23 1.84
C ASN B 121 -2.16 -32.14 2.68
N TYR B 122 -1.40 -31.16 3.19
CA TYR B 122 -1.96 -30.15 4.08
C TYR B 122 -1.43 -28.78 3.71
N VAL B 123 -2.20 -27.75 4.07
CA VAL B 123 -1.72 -26.37 4.08
C VAL B 123 -2.06 -25.76 5.43
N ALA B 124 -1.37 -24.68 5.77
CA ALA B 124 -1.58 -23.99 7.03
C ALA B 124 -1.56 -22.48 6.80
N CYS B 125 -2.30 -21.76 7.64
CA CYS B 125 -2.28 -20.30 7.58
C CYS B 125 -2.69 -19.70 8.91
N GLY B 126 -2.31 -18.44 9.11
CA GLY B 126 -2.66 -17.73 10.32
C GLY B 126 -2.42 -16.24 10.15
N GLY B 127 -2.68 -15.50 11.22
CA GLY B 127 -2.50 -14.06 11.18
C GLY B 127 -2.93 -13.32 12.42
N LEU B 128 -3.70 -12.24 12.25
CA LEU B 128 -4.12 -11.39 13.35
C LEU B 128 -5.09 -12.08 14.31
N ASP B 129 -5.62 -13.25 13.94
CA ASP B 129 -6.51 -13.98 14.84
C ASP B 129 -5.77 -14.80 15.89
N ASN B 130 -4.43 -14.83 15.84
CA ASN B 130 -3.60 -15.56 16.80
C ASN B 130 -3.86 -17.06 16.78
N ILE B 131 -4.24 -17.58 15.61
CA ILE B 131 -4.61 -18.99 15.47
C ILE B 131 -3.94 -19.55 14.22
N CYS B 132 -3.44 -20.78 14.30
CA CYS B 132 -2.86 -21.47 13.15
C CYS B 132 -3.84 -22.55 12.69
N SER B 133 -4.38 -22.40 11.48
CA SER B 133 -5.36 -23.33 10.95
C SER B 133 -4.72 -24.25 9.93
N ILE B 134 -5.09 -25.53 9.99
CA ILE B 134 -4.59 -26.57 9.10
C ILE B 134 -5.75 -27.05 8.23
N TYR B 135 -5.51 -27.09 6.92
CA TYR B 135 -6.50 -27.53 5.95
C TYR B 135 -6.02 -28.80 5.26
N ASN B 136 -6.88 -29.82 5.27
CA ASN B 136 -6.62 -31.10 4.60
C ASN B 136 -7.03 -31.01 3.15
N LEU B 137 -6.10 -31.31 2.24
CA LEU B 137 -6.37 -31.24 0.82
C LEU B 137 -6.74 -32.57 0.19
N LYS B 138 -6.52 -33.68 0.89
CA LYS B 138 -6.75 -35.03 0.35
C LYS B 138 -7.94 -35.71 1.03
N THR B 139 -8.99 -34.94 1.30
CA THR B 139 -10.17 -35.52 1.95
C THR B 139 -10.92 -36.42 0.98
N ARG B 140 -11.64 -37.39 1.55
CA ARG B 140 -12.37 -38.34 0.73
C ARG B 140 -13.62 -37.70 0.10
N GLU B 141 -14.37 -36.92 0.88
CA GLU B 141 -15.65 -36.40 0.45
C GLU B 141 -15.68 -34.89 0.55
N GLY B 142 -16.13 -34.23 -0.51
CA GLY B 142 -16.30 -32.80 -0.49
C GLY B 142 -15.01 -32.04 -0.77
N ASN B 143 -15.11 -30.73 -0.62
CA ASN B 143 -13.97 -29.84 -0.83
C ASN B 143 -13.06 -29.88 0.39
N VAL B 144 -12.06 -29.00 0.42
CA VAL B 144 -11.14 -28.96 1.54
C VAL B 144 -11.81 -28.33 2.75
N ARG B 145 -11.45 -28.82 3.93
CA ARG B 145 -12.02 -28.32 5.17
C ARG B 145 -10.90 -28.18 6.21
N VAL B 146 -11.15 -27.31 7.19
CA VAL B 146 -10.19 -27.11 8.26
C VAL B 146 -10.20 -28.33 9.18
N SER B 147 -9.01 -28.88 9.45
CA SER B 147 -8.89 -30.09 10.25
C SER B 147 -8.35 -29.83 11.65
N ARG B 148 -7.81 -28.65 11.91
CA ARG B 148 -7.18 -28.38 13.20
C ARG B 148 -6.97 -26.88 13.35
N GLU B 149 -7.22 -26.38 14.57
CA GLU B 149 -6.97 -24.98 14.92
C GLU B 149 -6.08 -24.94 16.15
N LEU B 150 -4.83 -24.52 15.98
CA LEU B 150 -3.88 -24.40 17.07
C LEU B 150 -3.99 -23.01 17.67
N ALA B 151 -4.37 -22.95 18.95
CA ALA B 151 -4.52 -21.72 19.70
C ALA B 151 -3.63 -21.76 20.93
N GLY B 152 -3.24 -20.58 21.42
CA GLY B 152 -2.35 -20.50 22.55
C GLY B 152 -1.38 -19.34 22.49
N HIS B 153 -1.07 -18.86 21.29
CA HIS B 153 -0.29 -17.64 21.16
C HIS B 153 -1.12 -16.44 21.62
N THR B 154 -0.44 -15.46 22.21
CA THR B 154 -1.09 -14.22 22.65
C THR B 154 -0.77 -13.05 21.73
N GLY B 155 -0.35 -13.32 20.50
CA GLY B 155 -0.08 -12.29 19.52
C GLY B 155 -0.25 -12.86 18.13
N TYR B 156 -0.14 -11.98 17.14
CA TYR B 156 -0.38 -12.38 15.76
C TYR B 156 0.67 -13.38 15.29
N LEU B 157 0.24 -14.30 14.44
CA LEU B 157 1.14 -15.28 13.83
C LEU B 157 1.85 -14.66 12.63
N SER B 158 3.18 -14.76 12.60
CA SER B 158 3.95 -14.17 11.53
C SER B 158 4.53 -15.18 10.55
N CYS B 159 4.74 -16.43 10.97
CA CYS B 159 5.30 -17.44 10.08
C CYS B 159 4.97 -18.81 10.64
N CYS B 160 4.97 -19.81 9.74
CA CYS B 160 4.77 -21.19 10.12
C CYS B 160 5.41 -22.08 9.06
N ARG B 161 5.94 -23.22 9.51
CA ARG B 161 6.58 -24.18 8.61
C ARG B 161 6.33 -25.60 9.14
N PHE B 162 5.92 -26.49 8.24
CA PHE B 162 5.73 -27.89 8.61
C PHE B 162 7.07 -28.59 8.80
N LEU B 163 7.17 -29.37 9.88
CA LEU B 163 8.25 -30.34 10.00
C LEU B 163 7.86 -31.66 9.35
N ASP B 164 6.73 -32.23 9.78
CA ASP B 164 6.15 -33.44 9.20
C ASP B 164 4.67 -33.18 9.00
N ASP B 165 3.92 -34.25 8.73
CA ASP B 165 2.46 -34.12 8.71
C ASP B 165 1.86 -33.96 10.09
N ASN B 166 2.65 -34.17 11.15
CA ASN B 166 2.16 -34.06 12.52
C ASN B 166 2.89 -33.02 13.37
N GLN B 167 3.85 -32.29 12.81
CA GLN B 167 4.59 -31.31 13.57
C GLN B 167 4.69 -30.00 12.78
N ILE B 168 4.58 -28.88 13.49
CA ILE B 168 4.66 -27.56 12.86
C ILE B 168 5.26 -26.59 13.86
N VAL B 169 6.01 -25.62 13.34
CA VAL B 169 6.69 -24.60 14.15
C VAL B 169 6.14 -23.24 13.75
N THR B 170 5.74 -22.44 14.74
CA THR B 170 5.11 -21.15 14.53
C THR B 170 5.86 -20.05 15.27
N SER B 171 5.86 -18.85 14.68
CA SER B 171 6.43 -17.66 15.30
C SER B 171 5.35 -16.60 15.44
N SER B 172 5.44 -15.79 16.48
CA SER B 172 4.35 -14.91 16.85
C SER B 172 4.87 -13.53 17.26
N GLY B 173 3.94 -12.58 17.30
CA GLY B 173 4.19 -11.25 17.81
C GLY B 173 4.24 -11.16 19.32
N ASP B 174 3.96 -12.24 20.03
CA ASP B 174 4.13 -12.31 21.48
C ASP B 174 5.57 -12.63 21.88
N THR B 175 6.53 -12.47 20.96
CA THR B 175 7.98 -12.60 21.16
C THR B 175 8.45 -14.03 21.38
N THR B 176 7.64 -15.04 21.07
CA THR B 176 8.01 -16.43 21.30
C THR B 176 7.82 -17.25 20.01
N CYS B 177 8.42 -18.43 20.00
CA CYS B 177 8.17 -19.44 18.99
C CYS B 177 7.61 -20.69 19.68
N ALA B 178 6.97 -21.55 18.89
CA ALA B 178 6.36 -22.74 19.46
C ALA B 178 6.42 -23.90 18.48
N LEU B 179 6.57 -25.11 19.03
CA LEU B 179 6.49 -26.35 18.28
C LEU B 179 5.27 -27.13 18.76
N TRP B 180 4.39 -27.48 17.82
CA TRP B 180 3.09 -28.07 18.10
C TRP B 180 3.06 -29.55 17.70
N ASP B 181 2.13 -30.28 18.32
CA ASP B 181 1.73 -31.61 17.87
C ASP B 181 0.31 -31.49 17.33
N ILE B 182 0.14 -31.81 16.05
CA ILE B 182 -1.09 -31.45 15.35
C ILE B 182 -2.28 -32.28 15.82
N GLU B 183 -2.06 -33.59 16.06
CA GLU B 183 -3.18 -34.44 16.47
C GLU B 183 -3.75 -34.01 17.81
N THR B 184 -2.90 -33.84 18.82
CA THR B 184 -3.39 -33.40 20.13
C THR B 184 -3.72 -31.92 20.15
N GLY B 185 -3.07 -31.12 19.31
CA GLY B 185 -3.33 -29.69 19.27
C GLY B 185 -2.70 -28.89 20.38
N GLN B 186 -1.62 -29.39 20.99
CA GLN B 186 -0.98 -28.72 22.11
C GLN B 186 0.44 -28.33 21.75
N GLN B 187 0.96 -27.32 22.46
CA GLN B 187 2.34 -26.87 22.26
C GLN B 187 3.28 -27.88 22.89
N THR B 188 4.01 -28.61 22.05
CA THR B 188 5.02 -29.52 22.56
C THR B 188 6.18 -28.77 23.18
N THR B 189 6.60 -27.66 22.56
CA THR B 189 7.74 -26.91 23.07
C THR B 189 7.53 -25.42 22.84
N THR B 190 8.13 -24.61 23.71
CA THR B 190 8.11 -23.16 23.59
C THR B 190 9.54 -22.63 23.60
N PHE B 191 9.79 -21.65 22.74
CA PHE B 191 11.12 -21.04 22.59
C PHE B 191 11.00 -19.56 22.94
N THR B 192 11.65 -19.17 24.03
CA THR B 192 11.64 -17.80 24.53
C THR B 192 13.05 -17.24 24.56
N GLY B 193 13.14 -15.92 24.60
CA GLY B 193 14.43 -15.24 24.60
C GLY B 193 14.47 -13.97 23.78
N HIS B 194 13.68 -13.90 22.72
CA HIS B 194 13.57 -12.67 21.95
C HIS B 194 12.83 -11.60 22.78
N THR B 195 13.16 -10.34 22.52
CA THR B 195 12.51 -9.23 23.19
C THR B 195 11.55 -8.45 22.29
N GLY B 196 11.50 -8.75 21.00
CA GLY B 196 10.58 -8.11 20.08
C GLY B 196 9.75 -9.13 19.32
N ASP B 197 8.89 -8.61 18.45
CA ASP B 197 8.07 -9.46 17.59
C ASP B 197 8.96 -10.33 16.72
N VAL B 198 8.67 -11.64 16.70
CA VAL B 198 9.38 -12.56 15.81
C VAL B 198 8.74 -12.51 14.44
N MET B 199 9.51 -12.08 13.44
CA MET B 199 8.94 -11.81 12.12
C MET B 199 9.07 -12.98 11.15
N SER B 200 10.08 -13.85 11.31
CA SER B 200 10.31 -14.89 10.32
C SER B 200 11.10 -16.03 10.95
N LEU B 201 11.09 -17.17 10.27
CA LEU B 201 11.86 -18.34 10.69
C LEU B 201 12.21 -19.17 9.48
N SER B 202 13.23 -20.00 9.63
CA SER B 202 13.70 -20.86 8.54
C SER B 202 14.24 -22.16 9.13
N LEU B 203 13.82 -23.28 8.56
CA LEU B 203 14.25 -24.59 9.06
C LEU B 203 15.55 -25.03 8.38
N ALA B 204 16.37 -25.77 9.13
CA ALA B 204 17.58 -26.33 8.59
C ALA B 204 17.25 -27.48 7.64
N PRO B 205 18.18 -27.81 6.72
CA PRO B 205 17.90 -28.91 5.78
C PRO B 205 17.59 -30.24 6.44
N ASP B 206 18.20 -30.54 7.60
CA ASP B 206 17.92 -31.78 8.29
C ASP B 206 16.76 -31.68 9.28
N THR B 207 16.19 -30.48 9.45
CA THR B 207 15.10 -30.22 10.38
C THR B 207 15.46 -30.59 11.82
N ARG B 208 16.74 -30.38 12.17
CA ARG B 208 17.19 -30.50 13.55
C ARG B 208 17.38 -29.15 14.22
N LEU B 209 17.56 -28.08 13.46
CA LEU B 209 17.76 -26.75 13.98
C LEU B 209 16.90 -25.77 13.18
N PHE B 210 16.65 -24.60 13.77
CA PHE B 210 16.02 -23.55 12.98
C PHE B 210 16.44 -22.18 13.50
N VAL B 211 16.36 -21.18 12.64
CA VAL B 211 16.77 -19.82 12.98
C VAL B 211 15.56 -18.91 12.95
N SER B 212 15.56 -17.91 13.82
CA SER B 212 14.49 -16.93 13.89
C SER B 212 15.05 -15.53 13.94
N GLY B 213 14.29 -14.58 13.40
CA GLY B 213 14.67 -13.18 13.43
C GLY B 213 13.53 -12.34 13.97
N ALA B 214 13.91 -11.29 14.71
CA ALA B 214 12.95 -10.53 15.49
C ALA B 214 13.17 -9.03 15.33
N CYS B 215 12.26 -8.27 15.92
CA CYS B 215 12.29 -6.82 15.91
C CYS B 215 13.24 -6.24 16.95
N ASP B 216 14.14 -7.04 17.52
CA ASP B 216 15.20 -6.54 18.38
C ASP B 216 16.55 -6.51 17.66
N ALA B 217 16.54 -6.66 16.33
CA ALA B 217 17.74 -6.62 15.50
C ALA B 217 18.69 -7.77 15.80
N SER B 218 18.17 -8.91 16.23
CA SER B 218 18.99 -10.08 16.53
C SER B 218 18.36 -11.33 15.95
N ALA B 219 19.20 -12.31 15.64
CA ALA B 219 18.76 -13.61 15.16
C ALA B 219 19.21 -14.69 16.14
N LYS B 220 18.41 -15.74 16.25
CA LYS B 220 18.69 -16.81 17.20
C LYS B 220 18.63 -18.17 16.55
N LEU B 221 19.53 -19.06 16.96
CA LEU B 221 19.55 -20.45 16.52
C LEU B 221 18.98 -21.35 17.61
N TRP B 222 18.01 -22.18 17.25
CA TRP B 222 17.25 -22.98 18.19
C TRP B 222 17.40 -24.46 17.84
N ASP B 223 17.66 -25.26 18.87
CA ASP B 223 17.65 -26.72 18.77
C ASP B 223 16.21 -27.21 18.95
N VAL B 224 15.71 -27.96 17.95
CA VAL B 224 14.31 -28.33 17.95
C VAL B 224 13.99 -29.28 19.09
N ARG B 225 14.83 -30.32 19.28
CA ARG B 225 14.51 -31.36 20.25
C ARG B 225 14.66 -30.85 21.68
N GLU B 226 15.76 -30.19 22.00
CA GLU B 226 15.99 -29.74 23.36
C GLU B 226 15.23 -28.46 23.70
N GLY B 227 14.80 -27.69 22.70
CA GLY B 227 14.07 -26.47 22.96
C GLY B 227 14.87 -25.38 23.65
N MET B 228 16.13 -25.19 23.26
CA MET B 228 16.99 -24.18 23.87
C MET B 228 17.79 -23.47 22.79
N CYS B 229 18.22 -22.26 23.11
CA CYS B 229 18.94 -21.42 22.14
C CYS B 229 20.43 -21.74 22.17
N ARG B 230 20.99 -22.04 21.00
CA ARG B 230 22.41 -22.32 20.86
C ARG B 230 23.25 -21.07 20.68
N GLN B 231 22.84 -20.16 19.79
CA GLN B 231 23.65 -19.01 19.45
C GLN B 231 22.76 -17.81 19.15
N THR B 232 23.29 -16.63 19.45
CA THR B 232 22.66 -15.36 19.12
C THR B 232 23.59 -14.56 18.21
N PHE B 233 23.02 -14.00 17.14
CA PHE B 233 23.78 -13.23 16.16
C PHE B 233 23.25 -11.81 16.13
N THR B 234 24.16 -10.85 16.23
CA THR B 234 23.85 -9.43 16.15
C THR B 234 24.66 -8.81 15.00
N GLY B 235 24.32 -7.57 14.66
CA GLY B 235 25.01 -6.87 13.61
C GLY B 235 24.12 -5.98 12.77
N HIS B 236 22.82 -6.27 12.76
CA HIS B 236 21.87 -5.39 12.10
C HIS B 236 21.57 -4.17 12.97
N GLU B 237 21.02 -3.13 12.34
CA GLU B 237 20.66 -1.92 13.05
C GLU B 237 19.18 -1.85 13.41
N SER B 238 18.30 -2.41 12.59
CA SER B 238 16.87 -2.34 12.81
C SER B 238 16.22 -3.72 12.78
N ASP B 239 14.89 -3.75 12.74
CA ASP B 239 14.15 -5.00 12.77
C ASP B 239 14.54 -5.91 11.61
N ILE B 240 14.57 -7.22 11.88
CA ILE B 240 14.86 -8.22 10.87
C ILE B 240 13.54 -8.75 10.34
N ASN B 241 13.33 -8.63 9.03
CA ASN B 241 12.06 -9.01 8.42
C ASN B 241 12.08 -10.39 7.78
N ALA B 242 13.25 -10.91 7.40
CA ALA B 242 13.31 -12.15 6.64
C ALA B 242 14.61 -12.89 6.96
N ILE B 243 14.60 -14.20 6.71
CA ILE B 243 15.73 -15.07 7.05
C ILE B 243 15.62 -16.35 6.23
N CYS B 244 16.77 -16.94 5.91
CA CYS B 244 16.83 -18.20 5.19
C CYS B 244 18.21 -18.82 5.32
N PHE B 245 18.25 -20.15 5.37
CA PHE B 245 19.50 -20.91 5.43
C PHE B 245 20.23 -20.97 4.10
N PHE B 246 21.55 -21.09 4.19
CA PHE B 246 22.38 -21.50 3.06
C PHE B 246 22.09 -22.97 2.73
N PRO B 247 22.26 -23.38 1.47
CA PRO B 247 21.91 -24.75 1.09
C PRO B 247 22.58 -25.86 1.91
N ASN B 248 23.81 -25.68 2.36
CA ASN B 248 24.48 -26.72 3.13
C ASN B 248 24.16 -26.68 4.62
N GLY B 249 23.43 -25.66 5.08
CA GLY B 249 23.01 -25.60 6.47
C GLY B 249 24.03 -25.04 7.44
N ASN B 250 25.14 -24.49 6.96
CA ASN B 250 26.18 -23.96 7.83
C ASN B 250 26.21 -22.44 7.83
N ALA B 251 25.25 -21.78 7.21
CA ALA B 251 25.20 -20.32 7.16
C ALA B 251 23.77 -19.89 6.86
N PHE B 252 23.50 -18.60 7.09
CA PHE B 252 22.18 -18.07 6.78
C PHE B 252 22.28 -16.60 6.44
N ALA B 253 21.21 -16.07 5.86
CA ALA B 253 21.13 -14.68 5.42
C ALA B 253 19.93 -13.99 6.03
N THR B 254 20.07 -12.69 6.30
CA THR B 254 19.04 -11.90 6.96
C THR B 254 18.82 -10.59 6.21
N GLY B 255 17.57 -10.16 6.17
CA GLY B 255 17.21 -8.88 5.59
C GLY B 255 16.52 -8.01 6.63
N SER B 256 16.79 -6.70 6.58
CA SER B 256 16.43 -5.81 7.67
C SER B 256 15.76 -4.54 7.15
N ASP B 257 15.20 -3.79 8.11
CA ASP B 257 14.68 -2.46 7.83
C ASP B 257 15.78 -1.44 7.60
N ASP B 258 17.02 -1.74 7.98
CA ASP B 258 18.16 -0.84 7.77
C ASP B 258 18.68 -0.86 6.34
N ALA B 259 17.94 -1.47 5.41
CA ALA B 259 18.26 -1.47 3.97
C ALA B 259 19.54 -2.25 3.66
N THR B 260 19.86 -3.28 4.44
CA THR B 260 21.01 -4.12 4.16
C THR B 260 20.60 -5.59 4.27
N CYS B 261 21.39 -6.45 3.62
CA CYS B 261 21.32 -7.89 3.84
C CYS B 261 22.65 -8.36 4.43
N ARG B 262 22.60 -9.42 5.23
CA ARG B 262 23.80 -9.88 5.91
C ARG B 262 23.89 -11.40 5.87
N LEU B 263 25.12 -11.89 5.83
CA LEU B 263 25.41 -13.33 5.85
C LEU B 263 26.13 -13.69 7.14
N PHE B 264 25.62 -14.70 7.84
CA PHE B 264 26.18 -15.18 9.10
C PHE B 264 26.60 -16.63 8.96
N ASP B 265 27.75 -16.96 9.54
CA ASP B 265 28.27 -18.32 9.56
C ASP B 265 28.05 -18.95 10.93
N LEU B 266 27.54 -20.18 10.94
CA LEU B 266 27.23 -20.85 12.20
C LEU B 266 28.49 -21.22 12.97
N ARG B 267 29.47 -21.83 12.28
CA ARG B 267 30.66 -22.32 12.98
C ARG B 267 31.62 -21.19 13.35
N ALA B 268 31.70 -20.15 12.53
CA ALA B 268 32.49 -18.98 12.90
C ALA B 268 31.76 -18.06 13.88
N ASP B 269 30.45 -18.25 14.04
CA ASP B 269 29.66 -17.55 15.05
C ASP B 269 29.70 -16.03 14.88
N GLN B 270 29.72 -15.55 13.64
CA GLN B 270 29.76 -14.11 13.40
C GLN B 270 29.36 -13.84 11.95
N GLU B 271 29.23 -12.54 11.65
CA GLU B 271 28.84 -12.09 10.31
C GLU B 271 30.01 -12.22 9.33
N LEU B 272 29.70 -12.58 8.09
CA LEU B 272 30.69 -12.77 7.04
C LEU B 272 30.68 -11.69 5.99
N MET B 273 29.50 -11.20 5.58
CA MET B 273 29.43 -10.27 4.47
C MET B 273 28.16 -9.42 4.60
N THR B 274 28.23 -8.20 4.08
CA THR B 274 27.12 -7.27 4.03
C THR B 274 26.85 -6.89 2.58
N TYR B 275 25.57 -6.90 2.21
CA TYR B 275 25.12 -6.51 0.87
C TYR B 275 24.28 -5.25 0.99
N SER B 276 24.73 -4.18 0.34
CA SER B 276 24.06 -2.89 0.40
C SER B 276 24.63 -1.99 -0.69
N HIS B 277 23.94 -0.88 -0.94
CA HIS B 277 24.41 0.11 -1.89
C HIS B 277 23.91 1.48 -1.46
N ASP B 278 24.65 2.52 -1.83
CA ASP B 278 24.36 3.87 -1.38
C ASP B 278 23.00 4.36 -1.85
N ASN B 279 22.49 3.85 -2.96
CA ASN B 279 21.22 4.31 -3.52
C ASN B 279 20.02 3.51 -3.04
N ILE B 280 20.21 2.57 -2.12
CA ILE B 280 19.13 1.75 -1.57
C ILE B 280 18.87 2.23 -0.15
N ILE B 281 17.70 2.81 0.09
CA ILE B 281 17.34 3.33 1.40
C ILE B 281 15.98 2.81 1.84
N CYS B 282 15.58 1.67 1.30
CA CYS B 282 14.31 1.03 1.66
C CYS B 282 14.57 -0.33 2.29
N GLY B 283 13.61 -0.78 3.09
CA GLY B 283 13.78 -2.03 3.79
C GLY B 283 13.66 -3.24 2.89
N ILE B 284 14.24 -4.35 3.35
CA ILE B 284 14.11 -5.65 2.71
C ILE B 284 12.95 -6.39 3.34
N THR B 285 12.14 -7.04 2.49
CA THR B 285 10.98 -7.78 2.95
C THR B 285 11.12 -9.29 2.83
N SER B 286 12.03 -9.78 1.99
CA SER B 286 12.14 -11.22 1.76
C SER B 286 13.49 -11.55 1.15
N VAL B 287 14.03 -12.72 1.52
CA VAL B 287 15.32 -13.20 1.02
C VAL B 287 15.18 -14.67 0.63
N SER B 288 16.07 -15.12 -0.25
CA SER B 288 16.11 -16.51 -0.68
C SER B 288 17.40 -16.77 -1.43
N PHE B 289 17.89 -18.00 -1.34
CA PHE B 289 19.09 -18.44 -2.05
C PHE B 289 18.72 -19.22 -3.31
N SER B 290 19.66 -19.27 -4.24
CA SER B 290 19.55 -20.17 -5.38
C SER B 290 20.03 -21.56 -4.99
N LYS B 291 19.82 -22.52 -5.90
CA LYS B 291 20.07 -23.92 -5.57
C LYS B 291 21.53 -24.16 -5.19
N SER B 292 22.47 -23.62 -5.96
CA SER B 292 23.87 -23.76 -5.63
C SER B 292 24.30 -22.82 -4.51
N GLY B 293 23.48 -21.84 -4.15
CA GLY B 293 23.83 -20.88 -3.14
C GLY B 293 24.68 -19.73 -3.61
N ARG B 294 24.96 -19.64 -4.92
CA ARG B 294 25.78 -18.55 -5.44
C ARG B 294 25.02 -17.23 -5.50
N LEU B 295 23.72 -17.26 -5.73
CA LEU B 295 22.92 -16.05 -5.85
C LEU B 295 22.04 -15.85 -4.63
N LEU B 296 21.88 -14.60 -4.22
CA LEU B 296 20.98 -14.23 -3.13
C LEU B 296 19.96 -13.23 -3.65
N LEU B 297 18.69 -13.62 -3.62
CA LEU B 297 17.61 -12.78 -4.12
C LEU B 297 16.90 -12.11 -2.95
N ALA B 298 16.71 -10.79 -3.06
CA ALA B 298 16.08 -10.01 -1.99
C ALA B 298 14.99 -9.13 -2.55
N GLY B 299 13.84 -9.10 -1.87
CA GLY B 299 12.74 -8.22 -2.23
C GLY B 299 12.76 -6.96 -1.40
N TYR B 300 12.38 -5.85 -2.03
CA TYR B 300 12.53 -4.53 -1.43
C TYR B 300 11.21 -3.77 -1.41
N ASP B 301 11.19 -2.72 -0.58
CA ASP B 301 10.04 -1.82 -0.51
C ASP B 301 9.97 -0.87 -1.71
N ASP B 302 11.06 -0.69 -2.45
CA ASP B 302 11.07 0.20 -3.60
C ASP B 302 10.54 -0.46 -4.87
N PHE B 303 9.75 -1.53 -4.71
CA PHE B 303 8.94 -2.23 -5.70
C PHE B 303 9.75 -3.25 -6.49
N ASN B 304 11.06 -3.35 -6.28
CA ASN B 304 11.94 -4.20 -7.09
C ASN B 304 12.54 -5.32 -6.27
N CYS B 305 13.16 -6.26 -6.99
CA CYS B 305 13.95 -7.34 -6.39
C CYS B 305 15.37 -7.29 -6.93
N ASN B 306 16.34 -7.52 -6.05
CA ASN B 306 17.76 -7.51 -6.42
C ASN B 306 18.35 -8.91 -6.33
N VAL B 307 19.15 -9.26 -7.33
CA VAL B 307 19.89 -10.52 -7.36
C VAL B 307 21.35 -10.19 -7.11
N TRP B 308 21.86 -10.61 -5.94
CA TRP B 308 23.22 -10.36 -5.50
C TRP B 308 24.09 -11.58 -5.72
N ASP B 309 25.38 -11.34 -5.97
CA ASP B 309 26.40 -12.38 -5.91
C ASP B 309 26.74 -12.62 -4.44
N ALA B 310 26.46 -13.83 -3.96
CA ALA B 310 26.62 -14.12 -2.53
C ALA B 310 28.08 -14.19 -2.10
N LEU B 311 29.00 -14.48 -3.01
CA LEU B 311 30.40 -14.62 -2.64
C LEU B 311 31.19 -13.32 -2.80
N LYS B 312 30.78 -12.43 -3.69
CA LYS B 312 31.50 -11.18 -3.93
C LYS B 312 30.72 -9.93 -3.58
N ALA B 313 29.46 -10.05 -3.14
CA ALA B 313 28.65 -8.93 -2.68
C ALA B 313 28.41 -7.89 -3.78
N ASP B 314 28.42 -8.31 -5.04
CA ASP B 314 28.11 -7.45 -6.17
C ASP B 314 26.69 -7.70 -6.65
N ARG B 315 26.03 -6.65 -7.10
CA ARG B 315 24.67 -6.78 -7.62
C ARG B 315 24.73 -7.32 -9.04
N ALA B 316 24.15 -8.50 -9.23
CA ALA B 316 24.18 -9.16 -10.54
C ALA B 316 22.95 -8.90 -11.38
N GLY B 317 21.80 -8.61 -10.77
CA GLY B 317 20.62 -8.39 -11.60
C GLY B 317 19.49 -7.74 -10.84
N VAL B 318 18.43 -7.41 -11.59
CA VAL B 318 17.24 -6.77 -11.05
C VAL B 318 16.00 -7.40 -11.67
N LEU B 319 14.99 -7.66 -10.85
CA LEU B 319 13.66 -8.03 -11.30
C LEU B 319 12.72 -6.86 -10.99
N ALA B 320 12.15 -6.26 -12.03
CA ALA B 320 11.53 -4.95 -11.93
C ALA B 320 10.15 -4.93 -12.59
N GLY B 321 9.30 -5.88 -12.22
CA GLY B 321 7.98 -5.94 -12.84
C GLY B 321 6.77 -5.82 -11.94
N HIS B 322 6.91 -5.21 -10.76
CA HIS B 322 5.80 -5.05 -9.84
C HIS B 322 5.48 -3.59 -9.61
N ASP B 323 4.19 -3.27 -9.47
CA ASP B 323 3.72 -1.91 -9.30
C ASP B 323 3.54 -1.50 -7.84
N ASN B 324 3.73 -2.42 -6.90
CA ASN B 324 3.60 -2.11 -5.48
C ASN B 324 4.64 -2.92 -4.71
N ARG B 325 4.55 -2.85 -3.39
CA ARG B 325 5.53 -3.46 -2.51
C ARG B 325 5.64 -4.97 -2.73
N VAL B 326 6.86 -5.45 -2.84
CA VAL B 326 7.12 -6.89 -2.93
C VAL B 326 7.06 -7.47 -1.52
N SER B 327 6.16 -8.43 -1.31
CA SER B 327 5.90 -8.94 0.03
C SER B 327 6.52 -10.31 0.30
N CYS B 328 6.71 -11.14 -0.72
CA CYS B 328 7.20 -12.50 -0.51
C CYS B 328 7.90 -12.99 -1.76
N LEU B 329 8.80 -13.95 -1.57
CA LEU B 329 9.62 -14.48 -2.64
C LEU B 329 10.00 -15.91 -2.31
N GLY B 330 10.07 -16.76 -3.34
CA GLY B 330 10.44 -18.15 -3.13
C GLY B 330 11.04 -18.85 -4.34
N VAL B 331 12.04 -19.68 -4.10
CA VAL B 331 12.72 -20.44 -5.16
C VAL B 331 12.28 -21.89 -5.06
N THR B 332 12.03 -22.52 -6.22
CA THR B 332 11.63 -23.92 -6.25
C THR B 332 12.75 -24.82 -5.74
N ASP B 333 12.34 -26.00 -5.24
CA ASP B 333 13.30 -26.97 -4.73
C ASP B 333 14.24 -27.49 -5.80
N ASP B 334 13.84 -27.43 -7.08
CA ASP B 334 14.70 -27.83 -8.17
C ASP B 334 15.49 -26.67 -8.77
N GLY B 335 15.31 -25.45 -8.23
CA GLY B 335 16.07 -24.31 -8.69
C GLY B 335 15.74 -23.83 -10.08
N MET B 336 14.55 -24.16 -10.59
CA MET B 336 14.17 -23.83 -11.96
C MET B 336 13.55 -22.44 -12.10
N ALA B 337 12.85 -21.95 -11.08
CA ALA B 337 12.10 -20.70 -11.21
C ALA B 337 12.07 -19.98 -9.87
N VAL B 338 11.74 -18.69 -9.93
CA VAL B 338 11.54 -17.85 -8.75
C VAL B 338 10.13 -17.28 -8.82
N ALA B 339 9.47 -17.21 -7.67
CA ALA B 339 8.14 -16.61 -7.60
C ALA B 339 8.16 -15.41 -6.66
N THR B 340 7.51 -14.33 -7.09
CA THR B 340 7.42 -13.10 -6.31
C THR B 340 5.96 -12.69 -6.16
N GLY B 341 5.60 -12.27 -4.96
CA GLY B 341 4.26 -11.76 -4.68
C GLY B 341 4.34 -10.31 -4.24
N SER B 342 3.26 -9.57 -4.48
CA SER B 342 3.29 -8.13 -4.28
C SER B 342 1.96 -7.65 -3.71
N TRP B 343 2.00 -6.42 -3.17
CA TRP B 343 0.80 -5.74 -2.69
C TRP B 343 -0.11 -5.30 -3.82
N ASP B 344 0.31 -5.40 -5.07
CA ASP B 344 -0.54 -5.11 -6.22
C ASP B 344 -1.47 -6.27 -6.57
N SER B 345 -1.45 -7.35 -5.78
CA SER B 345 -2.33 -8.52 -5.88
C SER B 345 -1.96 -9.47 -7.00
N PHE B 346 -0.75 -9.41 -7.55
CA PHE B 346 -0.32 -10.32 -8.59
C PHE B 346 0.85 -11.18 -8.12
N LEU B 347 0.94 -12.38 -8.68
CA LEU B 347 2.05 -13.29 -8.48
C LEU B 347 2.78 -13.47 -9.81
N LYS B 348 4.10 -13.37 -9.79
CA LYS B 348 4.89 -13.50 -11.00
C LYS B 348 5.95 -14.59 -10.86
N ILE B 349 6.20 -15.30 -11.96
CA ILE B 349 7.19 -16.36 -12.01
C ILE B 349 8.27 -15.94 -13.00
N TRP B 350 9.53 -16.06 -12.58
CA TRP B 350 10.67 -15.54 -13.30
C TRP B 350 11.68 -16.66 -13.51
N ASN B 351 12.32 -16.65 -14.68
CA ASN B 351 13.56 -17.40 -14.89
C ASN B 351 14.28 -17.00 -16.18
N SER C 8 13.45 -6.79 38.60
CA SER C 8 13.57 -7.67 37.43
C SER C 8 14.83 -8.51 37.52
N ILE C 9 15.21 -8.86 38.76
CA ILE C 9 16.43 -9.65 38.97
C ILE C 9 16.25 -11.05 38.40
N ALA C 10 15.04 -11.61 38.49
CA ALA C 10 14.78 -12.95 38.00
C ALA C 10 14.93 -13.08 36.49
N GLN C 11 14.87 -11.96 35.76
CA GLN C 11 15.14 -11.97 34.32
C GLN C 11 16.62 -11.71 34.02
N ALA C 12 17.28 -10.88 34.83
CA ALA C 12 18.72 -10.68 34.67
C ALA C 12 19.48 -11.97 34.93
N ARG C 13 19.01 -12.80 35.87
CA ARG C 13 19.65 -14.09 36.10
C ARG C 13 19.56 -14.96 34.85
N LYS C 14 18.40 -14.99 34.21
CA LYS C 14 18.25 -15.77 32.98
C LYS C 14 19.16 -15.24 31.89
N LEU C 15 19.25 -13.92 31.75
CA LEU C 15 20.13 -13.34 30.75
C LEU C 15 21.59 -13.71 31.00
N VAL C 16 22.02 -13.66 32.26
CA VAL C 16 23.41 -13.99 32.59
C VAL C 16 23.68 -15.47 32.32
N GLU C 17 22.72 -16.34 32.66
CA GLU C 17 22.90 -17.76 32.41
C GLU C 17 22.98 -18.04 30.90
N GLN C 18 22.15 -17.38 30.11
CA GLN C 18 22.22 -17.56 28.66
C GLN C 18 23.54 -17.08 28.10
N LEU C 19 24.06 -15.96 28.62
CA LEU C 19 25.38 -15.49 28.20
C LEU C 19 26.47 -16.49 28.55
N LYS C 20 26.39 -17.09 29.75
CA LYS C 20 27.36 -18.11 30.13
C LYS C 20 27.29 -19.32 29.20
N MET C 21 26.08 -19.77 28.88
CA MET C 21 25.93 -20.92 27.99
C MET C 21 26.41 -20.61 26.58
N GLU C 22 26.21 -19.39 26.10
CA GLU C 22 26.66 -19.04 24.75
C GLU C 22 28.14 -18.67 24.69
N ALA C 23 28.79 -18.45 25.83
CA ALA C 23 30.21 -18.10 25.83
C ALA C 23 31.13 -19.32 25.85
N ASN C 24 30.59 -20.54 25.89
CA ASN C 24 31.42 -21.73 26.03
C ASN C 24 31.74 -22.44 24.72
N ILE C 25 31.17 -21.99 23.60
CA ILE C 25 31.33 -22.71 22.35
C ILE C 25 32.71 -22.46 21.77
N ASP C 26 33.14 -23.36 20.89
CA ASP C 26 34.42 -23.28 20.22
C ASP C 26 34.20 -22.89 18.76
N ARG C 27 34.91 -21.86 18.31
CA ARG C 27 34.70 -21.25 17.00
C ARG C 27 35.91 -21.47 16.12
N ILE C 28 35.67 -21.89 14.87
CA ILE C 28 36.74 -22.06 13.88
C ILE C 28 37.08 -20.71 13.27
N LYS C 29 38.18 -20.66 12.53
CA LYS C 29 38.59 -19.42 11.89
C LYS C 29 37.66 -19.07 10.74
N VAL C 30 37.52 -17.77 10.49
CA VAL C 30 36.66 -17.28 9.42
C VAL C 30 37.17 -17.76 8.06
N SER C 31 38.48 -17.89 7.91
CA SER C 31 39.04 -18.33 6.63
C SER C 31 38.55 -19.71 6.26
N LYS C 32 38.50 -20.64 7.22
CA LYS C 32 38.02 -21.99 6.93
C LYS C 32 36.55 -21.99 6.54
N ALA C 33 35.72 -21.20 7.23
CA ALA C 33 34.30 -21.15 6.87
C ALA C 33 34.09 -20.57 5.48
N ALA C 34 34.82 -19.50 5.14
CA ALA C 34 34.73 -18.94 3.80
C ALA C 34 35.18 -19.94 2.75
N ALA C 35 36.27 -20.67 3.03
CA ALA C 35 36.73 -21.68 2.09
C ALA C 35 35.70 -22.78 1.90
N ASP C 36 35.05 -23.20 2.98
CA ASP C 36 34.02 -24.23 2.88
C ASP C 36 32.85 -23.76 2.03
N LEU C 37 32.39 -22.52 2.24
CA LEU C 37 31.28 -22.00 1.43
C LEU C 37 31.68 -21.89 -0.04
N MET C 38 32.90 -21.40 -0.31
CA MET C 38 33.34 -21.28 -1.69
C MET C 38 33.45 -22.65 -2.36
N ALA C 39 33.94 -23.66 -1.62
CA ALA C 39 34.03 -25.00 -2.17
C ALA C 39 32.65 -25.58 -2.47
N TYR C 40 31.68 -25.36 -1.58
CA TYR C 40 30.34 -25.84 -1.84
C TYR C 40 29.75 -25.18 -3.07
N CYS C 41 29.97 -23.88 -3.23
CA CYS C 41 29.45 -23.19 -4.41
C CYS C 41 30.13 -23.71 -5.69
N GLU C 42 31.43 -24.00 -5.62
CA GLU C 42 32.12 -24.54 -6.79
C GLU C 42 31.60 -25.92 -7.16
N ALA C 43 31.34 -26.78 -6.17
CA ALA C 43 30.95 -28.16 -6.44
C ALA C 43 29.54 -28.28 -6.99
N HIS C 44 28.70 -27.24 -6.89
CA HIS C 44 27.32 -27.31 -7.34
C HIS C 44 27.01 -26.33 -8.46
N ALA C 45 28.03 -25.78 -9.12
CA ALA C 45 27.81 -24.72 -10.10
C ALA C 45 27.02 -25.22 -11.30
N LYS C 46 27.34 -26.40 -11.81
CA LYS C 46 26.70 -26.91 -13.01
C LYS C 46 25.27 -27.37 -12.79
N GLU C 47 24.81 -27.45 -11.55
CA GLU C 47 23.48 -27.95 -11.22
C GLU C 47 22.48 -26.85 -10.92
N ASP C 48 22.85 -25.58 -11.14
CA ASP C 48 21.98 -24.46 -10.82
C ASP C 48 21.39 -23.87 -12.09
N PRO C 49 20.11 -24.09 -12.38
CA PRO C 49 19.51 -23.52 -13.60
C PRO C 49 19.54 -22.01 -13.66
N LEU C 50 19.42 -21.32 -12.53
CA LEU C 50 19.38 -19.86 -12.55
C LEU C 50 20.76 -19.24 -12.76
N LEU C 51 21.82 -19.99 -12.52
CA LEU C 51 23.17 -19.49 -12.75
C LEU C 51 23.63 -19.74 -14.17
N THR C 52 23.47 -20.98 -14.65
CA THR C 52 23.79 -21.33 -16.03
C THR C 52 22.50 -21.62 -16.79
N PRO C 53 22.10 -20.76 -17.74
CA PRO C 53 20.85 -21.00 -18.46
C PRO C 53 20.86 -22.33 -19.22
N VAL C 54 19.68 -22.93 -19.29
CA VAL C 54 19.49 -24.24 -19.93
C VAL C 54 18.72 -24.03 -21.23
N PRO C 55 18.81 -24.95 -22.19
CA PRO C 55 18.07 -24.77 -23.45
C PRO C 55 16.56 -24.76 -23.22
N ALA C 56 15.86 -24.08 -24.12
CA ALA C 56 14.42 -23.90 -23.98
C ALA C 56 13.65 -25.20 -24.02
N SER C 57 14.25 -26.27 -24.56
CA SER C 57 13.56 -27.56 -24.61
C SER C 57 13.38 -28.15 -23.21
N GLU C 58 14.35 -27.93 -22.32
CA GLU C 58 14.29 -28.45 -20.97
C GLU C 58 13.63 -27.49 -19.99
N ASN C 59 13.19 -26.32 -20.43
CA ASN C 59 12.57 -25.36 -19.53
C ASN C 59 11.07 -25.62 -19.44
N PRO C 60 10.55 -25.99 -18.27
CA PRO C 60 9.10 -26.19 -18.15
C PRO C 60 8.28 -24.95 -18.43
N PHE C 61 8.78 -23.77 -18.09
CA PHE C 61 8.07 -22.52 -18.28
C PHE C 61 8.38 -21.88 -19.64
N ARG C 62 8.85 -22.66 -20.60
CA ARG C 62 9.20 -22.17 -21.93
C ARG C 62 10.22 -21.03 -21.88
N GLN D 1 26.06 -4.53 17.90
CA GLN D 1 24.79 -4.49 18.60
C GLN D 1 24.44 -3.06 19.01
N VAL D 2 23.19 -2.67 18.77
CA VAL D 2 22.73 -1.33 19.14
C VAL D 2 22.89 -1.12 20.63
N GLN D 3 23.39 0.05 21.01
CA GLN D 3 23.71 0.31 22.40
C GLN D 3 23.57 1.80 22.70
N LEU D 4 22.91 2.11 23.81
CA LEU D 4 22.70 3.47 24.28
C LEU D 4 23.00 3.53 25.77
N GLN D 5 23.88 4.44 26.18
CA GLN D 5 24.24 4.59 27.59
C GLN D 5 23.95 6.02 28.03
N GLU D 6 23.15 6.17 29.07
CA GLU D 6 22.83 7.48 29.63
C GLU D 6 23.65 7.74 30.88
N SER D 7 24.15 8.98 31.00
CA SER D 7 24.96 9.40 32.13
C SER D 7 24.52 10.78 32.56
N GLY D 8 24.91 11.15 33.78
CA GLY D 8 24.46 12.37 34.39
C GLY D 8 23.22 12.17 35.24
N GLY D 9 23.00 13.09 36.17
CA GLY D 9 21.85 13.00 37.03
C GLY D 9 22.21 12.63 38.46
N GLY D 10 21.30 12.94 39.37
CA GLY D 10 21.51 12.70 40.78
C GLY D 10 20.59 13.59 41.61
N LEU D 11 21.06 13.91 42.80
CA LEU D 11 20.31 14.80 43.68
C LEU D 11 20.54 16.25 43.30
N VAL D 12 19.47 17.03 43.32
CA VAL D 12 19.54 18.46 43.01
C VAL D 12 18.40 19.17 43.74
N GLN D 13 18.69 20.35 44.27
CA GLN D 13 17.68 21.14 44.96
C GLN D 13 16.76 21.83 43.96
N PRO D 14 15.52 22.14 44.35
CA PRO D 14 14.59 22.78 43.43
C PRO D 14 15.15 24.10 42.91
N GLY D 15 14.93 24.35 41.61
CA GLY D 15 15.50 25.49 40.94
C GLY D 15 16.86 25.27 40.34
N GLY D 16 17.49 24.13 40.60
CA GLY D 16 18.81 23.85 40.08
C GLY D 16 18.80 23.41 38.63
N SER D 17 20.00 23.17 38.11
CA SER D 17 20.19 22.81 36.71
C SER D 17 20.99 21.52 36.63
N LEU D 18 20.83 20.83 35.50
CA LEU D 18 21.45 19.52 35.31
C LEU D 18 21.63 19.28 33.82
N ARG D 19 22.52 18.34 33.49
CA ARG D 19 22.76 17.98 32.10
C ARG D 19 22.84 16.45 32.00
N LEU D 20 22.12 15.88 31.06
CA LEU D 20 22.11 14.45 30.81
C LEU D 20 22.72 14.17 29.45
N SER D 21 23.55 13.12 29.38
CA SER D 21 24.21 12.73 28.14
C SER D 21 23.82 11.31 27.77
N CYS D 22 23.80 11.07 26.46
CA CYS D 22 23.49 9.76 25.89
C CYS D 22 24.54 9.44 24.83
N ALA D 23 25.29 8.37 25.04
CA ALA D 23 26.31 7.91 24.12
C ALA D 23 25.77 6.71 23.35
N ALA D 24 25.85 6.77 22.02
CA ALA D 24 25.26 5.76 21.15
C ALA D 24 26.36 5.02 20.40
N SER D 25 26.15 3.71 20.22
CA SER D 25 27.06 2.90 19.43
C SER D 25 26.29 1.79 18.74
N GLY D 26 26.86 1.29 17.64
CA GLY D 26 26.29 0.19 16.90
C GLY D 26 25.37 0.55 15.76
N PHE D 27 25.23 1.83 15.44
CA PHE D 27 24.39 2.24 14.32
C PHE D 27 24.85 3.61 13.82
N THR D 28 24.47 3.92 12.59
CA THR D 28 24.75 5.22 12.00
C THR D 28 23.88 6.26 12.70
N PHE D 29 24.51 7.06 13.57
CA PHE D 29 23.76 7.96 14.45
C PHE D 29 22.97 9.00 13.66
N SER D 30 23.56 9.54 12.60
CA SER D 30 22.98 10.68 11.89
C SER D 30 21.75 10.32 11.06
N ASN D 31 21.41 9.05 10.94
CA ASN D 31 20.26 8.63 10.13
C ASN D 31 18.97 8.50 10.94
N TYR D 32 18.99 8.76 12.24
CA TYR D 32 17.86 8.46 13.11
C TYR D 32 17.42 9.70 13.89
N LYS D 33 16.11 9.86 14.03
CA LYS D 33 15.55 10.79 15.00
C LYS D 33 15.76 10.24 16.41
N MET D 34 15.92 11.14 17.38
CA MET D 34 16.20 10.72 18.75
C MET D 34 15.20 11.34 19.73
N ASN D 35 15.07 10.69 20.88
CA ASN D 35 14.03 10.98 21.85
C ASN D 35 14.58 10.92 23.26
N TRP D 36 14.02 11.77 24.13
CA TRP D 36 14.13 11.64 25.57
C TRP D 36 12.75 11.31 26.13
N VAL D 37 12.69 10.26 26.95
CA VAL D 37 11.47 9.77 27.57
C VAL D 37 11.75 9.64 29.06
N ARG D 38 10.70 9.66 29.89
CA ARG D 38 10.90 9.53 31.32
C ARG D 38 9.81 8.69 31.96
N GLN D 39 10.14 8.10 33.10
CA GLN D 39 9.21 7.32 33.91
C GLN D 39 9.31 7.78 35.36
N ALA D 40 8.19 8.25 35.90
CA ALA D 40 8.08 8.76 37.27
C ALA D 40 7.68 7.63 38.21
N PRO D 41 7.94 7.79 39.53
CA PRO D 41 7.59 6.74 40.49
C PRO D 41 6.12 6.31 40.42
N GLY D 42 5.90 5.03 40.12
CA GLY D 42 4.55 4.50 40.04
C GLY D 42 3.72 5.06 38.91
N LYS D 43 4.33 5.35 37.77
CA LYS D 43 3.61 5.87 36.60
C LYS D 43 4.19 5.25 35.33
N GLY D 44 3.45 5.37 34.24
CA GLY D 44 3.90 4.86 32.97
C GLY D 44 4.93 5.76 32.32
N LEU D 45 5.52 5.25 31.24
CA LEU D 45 6.49 6.03 30.48
C LEU D 45 5.81 7.22 29.81
N GLU D 46 6.52 8.34 29.76
CA GLU D 46 5.99 9.58 29.21
C GLU D 46 7.01 10.21 28.28
N TRP D 47 6.57 10.58 27.08
CA TRP D 47 7.43 11.25 26.13
C TRP D 47 7.79 12.65 26.63
N VAL D 48 9.06 13.03 26.45
CA VAL D 48 9.59 14.30 26.92
C VAL D 48 10.00 15.21 25.77
N SER D 49 10.89 14.73 24.90
CA SER D 49 11.38 15.59 23.83
C SER D 49 11.89 14.76 22.68
N ASP D 50 11.99 15.38 21.50
CA ASP D 50 12.60 14.73 20.35
C ASP D 50 13.33 15.73 19.48
N ILE D 51 14.31 15.21 18.74
CA ILE D 51 15.13 15.99 17.81
C ILE D 51 15.34 15.19 16.53
N SER D 52 15.27 15.87 15.40
CA SER D 52 15.34 15.24 14.09
C SER D 52 16.80 14.96 13.70
N GLN D 53 16.96 14.37 12.50
CA GLN D 53 18.26 13.84 12.09
C GLN D 53 19.33 14.92 12.03
N SER D 54 19.02 16.06 11.43
CA SER D 54 19.98 17.16 11.36
C SER D 54 19.89 18.13 12.52
N GLY D 55 18.91 17.98 13.40
CA GLY D 55 18.72 18.89 14.51
C GLY D 55 17.94 20.14 14.19
N ALA D 56 17.38 20.24 12.98
CA ALA D 56 16.61 21.44 12.63
C ALA D 56 15.23 21.43 13.28
N SER D 57 14.61 20.26 13.38
CA SER D 57 13.27 20.12 13.95
C SER D 57 13.37 19.58 15.36
N ILE D 58 12.77 20.30 16.30
CA ILE D 58 12.86 19.99 17.73
C ILE D 58 11.47 20.12 18.34
N SER D 59 11.13 19.18 19.23
CA SER D 59 9.82 19.21 19.87
C SER D 59 9.95 18.88 21.35
N TYR D 60 9.10 19.54 22.15
CA TYR D 60 9.06 19.37 23.60
C TYR D 60 7.63 19.12 24.05
N THR D 61 7.49 18.43 25.18
CA THR D 61 6.17 18.31 25.79
C THR D 61 5.81 19.60 26.52
N GLY D 62 4.51 19.78 26.76
CA GLY D 62 4.02 21.07 27.20
C GLY D 62 4.57 21.50 28.55
N SER D 63 4.80 20.55 29.46
CA SER D 63 5.17 20.92 30.82
C SER D 63 6.66 21.23 30.97
N VAL D 64 7.45 21.08 29.91
CA VAL D 64 8.89 21.37 30.00
C VAL D 64 9.33 22.46 29.02
N LYS D 65 8.41 23.07 28.29
CA LYS D 65 8.80 24.14 27.37
C LYS D 65 9.32 25.34 28.16
N GLY D 66 10.44 25.88 27.70
CA GLY D 66 11.10 26.98 28.35
C GLY D 66 12.11 26.59 29.40
N ARG D 67 12.13 25.32 29.82
CA ARG D 67 13.06 24.86 30.84
C ARG D 67 14.05 23.82 30.33
N PHE D 68 13.65 23.00 29.36
CA PHE D 68 14.50 21.91 28.86
C PHE D 68 14.96 22.25 27.44
N THR D 69 16.21 21.90 27.13
CA THR D 69 16.77 22.07 25.79
C THR D 69 17.41 20.77 25.34
N ILE D 70 17.06 20.30 24.15
CA ILE D 70 17.61 19.08 23.60
C ILE D 70 18.61 19.43 22.50
N SER D 71 19.69 18.67 22.42
CA SER D 71 20.74 18.93 21.44
C SER D 71 21.40 17.61 21.05
N ARG D 72 22.10 17.62 19.91
CA ARG D 72 22.79 16.42 19.47
C ARG D 72 24.07 16.81 18.73
N ASP D 73 25.09 15.96 18.86
CA ASP D 73 26.35 16.10 18.13
C ASP D 73 26.56 14.80 17.37
N ASN D 74 26.45 14.88 16.04
CA ASN D 74 26.59 13.69 15.22
C ASN D 74 28.03 13.24 15.09
N ALA D 75 28.99 14.17 15.20
CA ALA D 75 30.39 13.80 15.06
C ALA D 75 30.84 12.87 16.18
N LYS D 76 30.43 13.14 17.41
CA LYS D 76 30.78 12.29 18.54
C LYS D 76 29.64 11.36 18.96
N ASN D 77 28.58 11.28 18.15
CA ASN D 77 27.48 10.33 18.38
C ASN D 77 26.85 10.51 19.75
N THR D 78 26.60 11.77 20.14
CA THR D 78 26.10 12.06 21.48
C THR D 78 24.81 12.86 21.42
N LEU D 79 23.97 12.67 22.44
CA LEU D 79 22.72 13.39 22.61
C LEU D 79 22.71 14.02 23.99
N TYR D 80 22.26 15.28 24.08
CA TYR D 80 22.29 16.02 25.33
C TYR D 80 20.93 16.59 25.67
N LEU D 81 20.63 16.61 26.97
CA LEU D 81 19.44 17.29 27.50
C LEU D 81 19.88 18.20 28.63
N GLN D 82 19.64 19.50 28.47
CA GLN D 82 19.93 20.51 29.47
C GLN D 82 18.64 20.86 30.20
N MET D 83 18.61 20.61 31.50
CA MET D 83 17.43 20.81 32.34
C MET D 83 17.66 22.00 33.25
N ASN D 84 16.77 22.98 33.18
CA ASN D 84 16.84 24.18 34.00
C ASN D 84 15.56 24.34 34.80
N SER D 85 15.67 25.00 35.95
CA SER D 85 14.54 25.30 36.82
C SER D 85 13.78 24.03 37.20
N LEU D 86 14.50 23.04 37.70
CA LEU D 86 13.89 21.75 38.02
C LEU D 86 12.91 21.88 39.18
N LYS D 87 11.89 21.03 39.15
CA LYS D 87 10.83 20.98 40.14
C LYS D 87 10.68 19.55 40.64
N PRO D 88 10.09 19.36 41.82
CA PRO D 88 9.89 17.99 42.32
C PRO D 88 9.05 17.12 41.41
N GLU D 89 8.28 17.71 40.49
CA GLU D 89 7.57 16.93 39.49
C GLU D 89 8.50 16.29 38.46
N ASP D 90 9.77 16.70 38.43
CA ASP D 90 10.72 16.17 37.46
C ASP D 90 11.50 14.97 37.97
N THR D 91 11.25 14.52 39.20
CA THR D 91 11.93 13.33 39.72
C THR D 91 11.47 12.09 38.97
N ALA D 92 12.39 11.45 38.26
CA ALA D 92 12.04 10.30 37.43
C ALA D 92 13.32 9.65 36.90
N VAL D 93 13.15 8.51 36.24
CA VAL D 93 14.22 7.88 35.50
C VAL D 93 14.10 8.30 34.04
N TYR D 94 15.19 8.82 33.47
CA TYR D 94 15.20 9.35 32.11
C TYR D 94 15.90 8.38 31.18
N TYR D 95 15.28 8.11 30.03
CA TYR D 95 15.77 7.16 29.05
C TYR D 95 15.99 7.85 27.71
N CYS D 96 17.05 7.42 27.04
CA CYS D 96 17.38 7.84 25.68
C CYS D 96 16.83 6.80 24.71
N ALA D 97 16.04 7.25 23.72
CA ALA D 97 15.33 6.34 22.83
C ALA D 97 15.59 6.69 21.38
N ARG D 98 15.71 5.67 20.54
CA ARG D 98 15.96 5.86 19.13
C ARG D 98 14.73 5.47 18.31
N CYS D 99 14.55 6.17 17.19
CA CYS D 99 13.49 5.81 16.26
C CYS D 99 13.73 4.40 15.71
N PRO D 100 12.68 3.60 15.53
CA PRO D 100 12.90 2.20 15.11
C PRO D 100 13.62 2.05 13.77
N ALA D 101 13.36 2.92 12.81
CA ALA D 101 13.89 2.75 11.47
C ALA D 101 14.53 4.04 10.98
N PRO D 102 15.54 3.94 10.11
CA PRO D 102 16.16 5.14 9.55
C PRO D 102 15.34 5.73 8.41
N PHE D 103 15.61 7.01 8.14
CA PHE D 103 15.03 7.73 7.00
C PHE D 103 13.50 7.74 7.06
N THR D 104 12.95 8.00 8.25
CA THR D 104 11.51 8.02 8.42
C THR D 104 11.11 9.22 9.24
N ARG D 105 9.84 9.62 9.10
CA ARG D 105 9.26 10.71 9.87
C ARG D 105 8.39 10.22 11.02
N ASP D 106 7.85 9.01 10.94
CA ASP D 106 7.03 8.45 12.00
C ASP D 106 7.91 7.78 13.06
N CYS D 107 7.41 7.74 14.29
CA CYS D 107 8.14 7.20 15.42
C CYS D 107 7.10 6.57 16.37
N PHE D 108 6.88 5.26 16.23
CA PHE D 108 5.72 4.61 16.84
C PHE D 108 5.87 4.29 18.33
N ASP D 109 6.79 3.40 18.69
CA ASP D 109 6.66 2.65 19.94
C ASP D 109 7.72 3.02 20.98
N VAL D 110 8.22 4.26 20.95
CA VAL D 110 9.30 4.63 21.86
C VAL D 110 8.88 4.64 23.33
N THR D 111 7.60 4.80 23.63
CA THR D 111 7.13 4.81 25.02
C THR D 111 6.50 3.49 25.43
N SER D 112 6.61 2.46 24.61
CA SER D 112 6.01 1.17 24.94
C SER D 112 6.85 0.43 25.97
N THR D 113 6.20 -0.44 26.74
CA THR D 113 6.91 -1.29 27.67
C THR D 113 7.77 -2.29 26.90
N THR D 114 9.01 -2.47 27.34
CA THR D 114 9.98 -3.36 26.71
C THR D 114 10.22 -3.00 25.24
N TYR D 115 10.48 -1.71 25.00
CA TYR D 115 10.92 -1.27 23.69
C TYR D 115 12.40 -1.58 23.51
N ALA D 116 12.76 -2.06 22.31
CA ALA D 116 14.08 -2.63 22.11
C ALA D 116 15.18 -1.57 22.09
N TYR D 117 14.97 -0.47 21.37
CA TYR D 117 16.04 0.50 21.10
C TYR D 117 16.00 1.65 22.11
N ARG D 118 16.14 1.27 23.38
CA ARG D 118 16.12 2.21 24.49
C ARG D 118 17.25 1.88 25.46
N GLY D 119 17.76 2.90 26.14
CA GLY D 119 18.80 2.71 27.12
C GLY D 119 18.25 2.22 28.45
N GLN D 120 19.16 2.06 29.40
CA GLN D 120 18.78 1.63 30.75
C GLN D 120 18.35 2.79 31.64
N GLY D 121 18.63 4.02 31.25
CA GLY D 121 18.13 5.19 31.96
C GLY D 121 19.04 5.64 33.09
N THR D 122 18.78 6.86 33.55
CA THR D 122 19.50 7.43 34.68
C THR D 122 18.51 8.16 35.59
N GLN D 123 18.77 8.13 36.89
CA GLN D 123 17.84 8.64 37.88
C GLN D 123 18.08 10.10 38.17
N VAL D 124 17.02 10.90 38.18
CA VAL D 124 17.07 12.31 38.53
C VAL D 124 16.08 12.54 39.68
N THR D 125 16.60 13.07 40.79
CA THR D 125 15.80 13.34 41.98
C THR D 125 15.90 14.81 42.33
N VAL D 126 14.75 15.45 42.53
CA VAL D 126 14.68 16.86 42.90
C VAL D 126 14.02 16.95 44.27
N SER D 127 14.82 17.27 45.28
CA SER D 127 14.31 17.40 46.65
C SER D 127 15.20 18.37 47.40
N SER D 128 14.61 19.04 48.40
CA SER D 128 15.33 20.03 49.21
C SER D 128 16.16 19.30 50.26
N HIS D 129 17.30 18.77 49.82
CA HIS D 129 18.22 18.03 50.67
C HIS D 129 17.53 16.88 51.38
N PHE E 5 -8.12 19.75 -54.42
CA PHE E 5 -6.77 19.30 -54.13
C PHE E 5 -6.37 19.67 -52.70
N SER E 6 -6.57 20.94 -52.33
CA SER E 6 -6.26 21.38 -50.97
C SER E 6 -7.12 20.64 -49.94
N PHE E 7 -8.41 20.48 -50.24
CA PHE E 7 -9.28 19.68 -49.38
C PHE E 7 -8.72 18.28 -49.21
N GLY E 8 -8.18 17.70 -50.29
CA GLY E 8 -7.62 16.36 -50.20
C GLY E 8 -6.44 16.27 -49.25
N VAL E 9 -5.50 17.21 -49.36
CA VAL E 9 -4.32 17.16 -48.50
C VAL E 9 -4.70 17.44 -47.06
N ILE E 10 -5.65 18.36 -46.83
CA ILE E 10 -6.10 18.64 -45.47
C ILE E 10 -6.72 17.39 -44.86
N LEU E 11 -7.60 16.72 -45.61
CA LEU E 11 -8.23 15.51 -45.10
C LEU E 11 -7.19 14.42 -44.84
N ALA E 12 -6.22 14.28 -45.74
CA ALA E 12 -5.19 13.26 -45.55
C ALA E 12 -4.39 13.50 -44.28
N VAL E 13 -3.92 14.73 -44.08
CA VAL E 13 -3.07 15.01 -42.92
C VAL E 13 -3.88 14.87 -41.62
N LEU E 14 -5.13 15.37 -41.62
CA LEU E 14 -5.95 15.25 -40.42
C LEU E 14 -6.26 13.80 -40.11
N ALA E 15 -6.58 12.99 -41.13
CA ALA E 15 -6.86 11.59 -40.90
C ALA E 15 -5.64 10.85 -40.37
N SER E 16 -4.46 11.15 -40.91
CA SER E 16 -3.24 10.52 -40.41
C SER E 16 -3.00 10.87 -38.95
N LEU E 17 -3.13 12.15 -38.60
CA LEU E 17 -2.92 12.56 -37.22
C LEU E 17 -3.93 11.89 -36.29
N ILE E 18 -5.20 11.87 -36.68
CA ILE E 18 -6.23 11.24 -35.84
C ILE E 18 -5.92 9.78 -35.63
N ILE E 19 -5.61 9.05 -36.70
CA ILE E 19 -5.35 7.62 -36.60
C ILE E 19 -4.17 7.36 -35.68
N ALA E 20 -3.07 8.09 -35.85
CA ALA E 20 -1.88 7.83 -35.04
C ALA E 20 -2.13 8.13 -33.57
N THR E 21 -2.60 9.36 -33.27
CA THR E 21 -2.79 9.74 -31.88
C THR E 21 -3.91 8.95 -31.19
N ASN E 22 -4.81 8.33 -31.93
CA ASN E 22 -5.82 7.50 -31.29
C ASN E 22 -5.40 6.05 -31.15
N THR E 23 -4.62 5.52 -32.10
CA THR E 23 -4.14 4.15 -31.95
C THR E 23 -3.15 4.05 -30.80
N LEU E 24 -2.32 5.09 -30.59
CA LEU E 24 -1.43 5.06 -29.44
C LEU E 24 -2.21 5.01 -28.14
N VAL E 25 -3.26 5.84 -28.02
CA VAL E 25 -4.09 5.87 -26.83
C VAL E 25 -4.78 4.53 -26.61
N ALA E 26 -5.30 3.94 -27.69
CA ALA E 26 -5.96 2.65 -27.58
C ALA E 26 -5.01 1.57 -27.07
N VAL E 27 -3.78 1.56 -27.60
CA VAL E 27 -2.81 0.56 -27.15
C VAL E 27 -2.49 0.75 -25.67
N ALA E 28 -2.25 2.00 -25.25
CA ALA E 28 -1.93 2.26 -23.85
C ALA E 28 -3.08 1.85 -22.93
N VAL E 29 -4.31 2.17 -23.32
CA VAL E 29 -5.46 1.85 -22.48
C VAL E 29 -5.68 0.34 -22.43
N LEU E 30 -5.46 -0.36 -23.55
CA LEU E 30 -5.57 -1.81 -23.54
C LEU E 30 -4.54 -2.44 -22.61
N LEU E 31 -3.31 -1.92 -22.61
CA LEU E 31 -2.31 -2.44 -21.68
C LEU E 31 -2.71 -2.18 -20.24
N LEU E 32 -3.21 -0.98 -19.94
CA LEU E 32 -3.65 -0.68 -18.58
C LEU E 32 -4.80 -1.57 -18.14
N ILE E 33 -5.72 -1.87 -19.06
CA ILE E 33 -6.82 -2.79 -18.75
C ILE E 33 -6.28 -4.20 -18.53
N HIS E 34 -5.25 -4.58 -19.28
CA HIS E 34 -4.58 -5.87 -19.02
C HIS E 34 -3.91 -5.88 -17.65
N LYS E 35 -3.54 -4.72 -17.12
CA LYS E 35 -2.99 -4.66 -15.77
C LYS E 35 -4.08 -4.39 -14.72
N ASN E 36 -4.77 -3.25 -14.84
CA ASN E 36 -5.79 -2.84 -13.89
C ASN E 36 -7.14 -3.44 -14.28
N ASP E 37 -8.22 -2.95 -13.66
CA ASP E 37 -9.56 -3.39 -14.03
C ASP E 37 -10.55 -2.28 -13.65
N GLY E 38 -10.98 -1.51 -14.66
CA GLY E 38 -12.01 -0.52 -14.47
C GLY E 38 -12.87 -0.38 -15.70
N VAL E 39 -14.10 0.11 -15.49
CA VAL E 39 -15.01 0.34 -16.61
C VAL E 39 -14.83 1.73 -17.22
N SER E 40 -14.30 2.70 -16.46
CA SER E 40 -13.95 3.99 -17.05
C SER E 40 -12.89 3.83 -18.12
N LEU E 41 -11.92 2.94 -17.88
CA LEU E 41 -10.93 2.64 -18.92
C LEU E 41 -11.58 1.95 -20.11
N CYS E 42 -12.62 1.15 -19.87
CA CYS E 42 -13.36 0.53 -20.98
C CYS E 42 -14.02 1.59 -21.86
N PHE E 43 -14.65 2.58 -21.21
CA PHE E 43 -15.26 3.68 -21.98
C PHE E 43 -14.20 4.50 -22.72
N THR E 44 -13.05 4.73 -22.08
CA THR E 44 -11.98 5.46 -22.75
C THR E 44 -11.47 4.71 -23.98
N LEU E 45 -11.32 3.39 -23.86
CA LEU E 45 -10.93 2.58 -25.01
C LEU E 45 -11.98 2.63 -26.11
N ASN E 46 -13.27 2.62 -25.73
CA ASN E 46 -14.32 2.74 -26.73
C ASN E 46 -14.23 4.08 -27.46
N LEU E 47 -13.96 5.15 -26.73
CA LEU E 47 -13.80 6.46 -27.37
C LEU E 47 -12.62 6.47 -28.33
N ALA E 48 -11.50 5.85 -27.92
CA ALA E 48 -10.33 5.78 -28.80
C ALA E 48 -10.63 5.00 -30.06
N VAL E 49 -11.35 3.87 -29.93
CA VAL E 49 -11.71 3.07 -31.09
C VAL E 49 -12.64 3.84 -32.01
N ALA E 50 -13.59 4.58 -31.44
CA ALA E 50 -14.51 5.37 -32.25
C ALA E 50 -13.77 6.45 -33.03
N ASP E 51 -12.82 7.12 -32.38
CA ASP E 51 -12.06 8.15 -33.10
C ASP E 51 -11.17 7.54 -34.18
N THR E 52 -10.59 6.37 -33.91
CA THR E 52 -9.82 5.67 -34.94
C THR E 52 -10.68 5.32 -36.14
N LEU E 53 -11.90 4.84 -35.89
CA LEU E 53 -12.81 4.52 -36.99
C LEU E 53 -13.24 5.78 -37.74
N ILE E 54 -13.37 6.91 -37.03
CA ILE E 54 -13.59 8.18 -37.71
C ILE E 54 -12.44 8.46 -38.67
N GLY E 55 -11.21 8.28 -38.20
CA GLY E 55 -10.05 8.52 -39.05
C GLY E 55 -10.05 7.64 -40.28
N VAL E 56 -10.37 6.35 -40.11
CA VAL E 56 -10.41 5.44 -41.26
C VAL E 56 -11.51 5.86 -42.24
N ALA E 57 -12.68 6.21 -41.71
CA ALA E 57 -13.78 6.64 -42.58
C ALA E 57 -13.43 7.90 -43.36
N ILE E 58 -12.71 8.83 -42.73
CA ILE E 58 -12.30 10.04 -43.42
C ILE E 58 -11.25 9.72 -44.48
N SER E 59 -10.32 8.82 -44.15
CA SER E 59 -9.33 8.38 -45.14
C SER E 59 -10.01 7.75 -46.34
N GLY E 60 -11.16 7.12 -46.14
CA GLY E 60 -11.93 6.56 -47.24
C GLY E 60 -12.53 7.58 -48.19
N LEU E 61 -12.18 8.86 -48.06
CA LEU E 61 -12.72 9.91 -48.91
C LEU E 61 -11.62 10.77 -49.52
N LEU E 62 -10.59 10.14 -50.09
CA LEU E 62 -9.44 10.88 -50.57
C LEU E 62 -9.21 10.76 -52.08
N THR E 63 -9.50 9.60 -52.68
CA THR E 63 -9.20 9.42 -54.10
C THR E 63 -9.99 10.38 -54.97
N ASP E 64 -11.31 10.43 -54.77
CA ASP E 64 -12.15 11.29 -55.60
C ASP E 64 -11.89 12.77 -55.34
N GLN E 65 -11.53 13.13 -54.11
CA GLN E 65 -11.26 14.51 -53.79
C GLN E 65 -9.88 14.98 -54.23
N LEU E 66 -8.94 14.04 -54.44
CA LEU E 66 -7.60 14.40 -54.89
C LEU E 66 -7.45 14.31 -56.41
N SER E 67 -7.65 13.12 -56.98
CA SER E 67 -7.28 12.93 -58.38
C SER E 67 -8.30 12.11 -59.15
N SER E 68 -9.57 12.18 -58.78
CA SER E 68 -10.64 11.51 -59.55
C SER E 68 -11.83 12.45 -59.72
N PRO E 69 -11.67 13.52 -60.52
CA PRO E 69 -12.83 14.36 -60.84
C PRO E 69 -13.62 13.80 -62.01
N SER E 70 -12.95 13.01 -62.85
CA SER E 70 -13.58 12.48 -64.05
C SER E 70 -14.53 11.32 -63.74
N ARG E 71 -14.17 10.48 -62.76
CA ARG E 71 -14.96 9.29 -62.47
C ARG E 71 -16.19 9.67 -61.66
N PRO E 72 -17.40 9.44 -62.17
CA PRO E 72 -18.59 9.59 -61.33
C PRO E 72 -18.69 8.46 -60.33
N THR E 73 -19.36 8.74 -59.21
CA THR E 73 -19.54 7.76 -58.15
C THR E 73 -20.99 7.30 -58.16
N GLN E 74 -21.18 5.98 -58.14
CA GLN E 74 -22.51 5.40 -58.19
C GLN E 74 -23.29 5.73 -56.92
N LYS E 75 -24.62 5.80 -57.06
CA LYS E 75 -25.48 6.15 -55.94
C LYS E 75 -25.30 5.20 -54.77
N THR E 76 -25.14 3.90 -55.03
CA THR E 76 -25.01 2.93 -53.94
C THR E 76 -23.73 3.16 -53.15
N LEU E 77 -22.61 3.38 -53.85
CA LEU E 77 -21.35 3.58 -53.16
C LEU E 77 -21.34 4.89 -52.38
N CYS E 78 -21.81 5.97 -53.01
CA CYS E 78 -21.75 7.29 -52.39
C CYS E 78 -22.59 7.36 -51.12
N SER E 79 -23.78 6.75 -51.15
CA SER E 79 -24.67 6.81 -49.98
C SER E 79 -24.03 6.13 -48.77
N LEU E 80 -23.50 4.92 -48.95
CA LEU E 80 -22.87 4.22 -47.84
C LEU E 80 -21.60 4.93 -47.39
N ARG E 81 -20.83 5.47 -48.34
CA ARG E 81 -19.60 6.18 -47.98
C ARG E 81 -19.91 7.40 -47.12
N MET E 82 -20.96 8.14 -47.48
CA MET E 82 -21.38 9.27 -46.65
C MET E 82 -21.94 8.81 -45.31
N ALA E 83 -22.73 7.72 -45.32
CA ALA E 83 -23.38 7.26 -44.10
C ALA E 83 -22.42 6.67 -43.09
N PHE E 84 -21.23 6.25 -43.50
CA PHE E 84 -20.24 5.67 -42.59
C PHE E 84 -19.64 6.72 -41.65
N VAL E 85 -19.23 7.87 -42.18
CA VAL E 85 -18.60 8.89 -41.35
C VAL E 85 -19.58 9.45 -40.32
N THR E 86 -20.86 9.57 -40.70
CA THR E 86 -21.87 10.06 -39.77
C THR E 86 -22.06 9.09 -38.61
N SER E 87 -22.09 7.79 -38.90
CA SER E 87 -22.19 6.80 -37.84
C SER E 87 -20.98 6.87 -36.91
N SER E 88 -19.79 7.03 -37.48
CA SER E 88 -18.58 7.12 -36.65
C SER E 88 -18.63 8.35 -35.73
N ALA E 89 -19.02 9.51 -36.27
CA ALA E 89 -19.10 10.72 -35.45
C ALA E 89 -20.16 10.59 -34.37
N ALA E 90 -21.31 10.01 -34.71
CA ALA E 90 -22.34 9.78 -33.71
C ALA E 90 -21.85 8.85 -32.61
N ALA E 91 -21.07 7.84 -32.97
CA ALA E 91 -20.48 6.96 -31.96
C ALA E 91 -19.57 7.73 -31.02
N SER E 92 -18.74 8.62 -31.55
CA SER E 92 -17.88 9.42 -30.68
C SER E 92 -18.70 10.30 -29.72
N VAL E 93 -19.73 10.96 -30.24
CA VAL E 93 -20.54 11.84 -29.40
C VAL E 93 -21.24 11.04 -28.29
N LEU E 94 -21.81 9.89 -28.65
CA LEU E 94 -22.50 9.08 -27.65
C LEU E 94 -21.53 8.52 -26.62
N THR E 95 -20.29 8.20 -27.04
CA THR E 95 -19.30 7.74 -26.08
C THR E 95 -18.95 8.84 -25.07
N VAL E 96 -18.82 10.08 -25.55
CA VAL E 96 -18.56 11.19 -24.62
C VAL E 96 -19.72 11.34 -23.64
N MET E 97 -20.96 11.26 -24.15
CA MET E 97 -22.11 11.38 -23.25
C MET E 97 -22.12 10.27 -22.21
N LEU E 98 -21.79 9.04 -22.60
CA LEU E 98 -21.76 7.93 -21.66
C LEU E 98 -20.67 8.11 -20.61
N ILE E 99 -19.50 8.62 -21.01
CA ILE E 99 -18.44 8.90 -20.05
C ILE E 99 -18.91 9.91 -19.02
N THR E 100 -19.57 10.98 -19.48
CA THR E 100 -20.06 12.00 -18.56
C THR E 100 -21.10 11.44 -17.61
N PHE E 101 -22.01 10.60 -18.11
CA PHE E 101 -23.01 9.97 -17.24
C PHE E 101 -22.35 9.09 -16.19
N ASP E 102 -21.32 8.33 -16.59
CA ASP E 102 -20.61 7.47 -15.64
C ASP E 102 -19.97 8.30 -14.53
N ARG E 103 -19.30 9.40 -14.89
CA ARG E 103 -18.69 10.26 -13.88
C ARG E 103 -19.73 10.84 -12.93
N TYR E 104 -20.84 11.33 -13.49
CA TYR E 104 -21.87 11.94 -12.67
C TYR E 104 -22.49 10.92 -11.72
N LEU E 105 -22.73 9.69 -12.19
CA LEU E 105 -23.27 8.66 -11.31
C LEU E 105 -22.28 8.30 -10.20
N ALA E 106 -21.00 8.22 -10.54
CA ALA E 106 -20.00 7.88 -9.53
C ALA E 106 -19.96 8.93 -8.42
N ILE E 107 -20.01 10.21 -8.78
CA ILE E 107 -19.96 11.25 -7.76
C ILE E 107 -21.29 11.36 -7.00
N LYS E 108 -22.41 11.24 -7.71
CA LYS E 108 -23.71 11.57 -7.14
C LYS E 108 -24.24 10.46 -6.23
N GLN E 109 -24.02 9.20 -6.60
CA GLN E 109 -24.56 8.04 -5.87
C GLN E 109 -23.43 7.06 -5.58
N PRO E 110 -22.51 7.43 -4.68
CA PRO E 110 -21.27 6.63 -4.56
C PRO E 110 -21.49 5.19 -4.07
N PHE E 111 -22.27 5.00 -3.00
CA PHE E 111 -22.49 3.64 -2.50
C PHE E 111 -23.24 2.79 -3.51
N ARG E 112 -24.33 3.31 -4.09
CA ARG E 112 -25.08 2.54 -5.07
C ARG E 112 -24.24 2.27 -6.32
N TYR E 113 -23.41 3.24 -6.71
CA TYR E 113 -22.52 3.03 -7.85
C TYR E 113 -21.56 1.88 -7.59
N LEU E 114 -20.96 1.84 -6.39
CA LEU E 114 -20.11 0.72 -6.04
C LEU E 114 -20.91 -0.58 -5.99
N LYS E 115 -22.20 -0.48 -5.66
CA LYS E 115 -23.02 -1.67 -5.53
C LYS E 115 -23.36 -2.29 -6.89
N ILE E 116 -23.72 -1.48 -7.88
CA ILE E 116 -24.38 -1.98 -9.08
C ILE E 116 -23.55 -1.84 -10.34
N MET E 117 -22.26 -1.54 -10.25
CA MET E 117 -21.42 -1.37 -11.42
C MET E 117 -20.61 -2.64 -11.68
N SER E 118 -20.55 -3.05 -12.94
CA SER E 118 -19.87 -4.28 -13.33
C SER E 118 -19.50 -4.20 -14.80
N GLY E 119 -18.70 -5.17 -15.25
CA GLY E 119 -18.30 -5.22 -16.64
C GLY E 119 -19.46 -5.51 -17.58
N PHE E 120 -20.43 -6.28 -17.11
CA PHE E 120 -21.59 -6.59 -17.94
C PHE E 120 -22.38 -5.34 -18.31
N VAL E 121 -22.58 -4.44 -17.34
CA VAL E 121 -23.30 -3.20 -17.62
C VAL E 121 -22.55 -2.37 -18.65
N ALA E 122 -21.23 -2.25 -18.49
CA ALA E 122 -20.44 -1.46 -19.45
C ALA E 122 -20.49 -2.07 -20.84
N GLY E 123 -20.39 -3.39 -20.94
CA GLY E 123 -20.47 -4.03 -22.24
C GLY E 123 -21.82 -3.85 -22.90
N ALA E 124 -22.90 -3.99 -22.14
CA ALA E 124 -24.23 -3.77 -22.69
C ALA E 124 -24.40 -2.34 -23.18
N CYS E 125 -23.92 -1.37 -22.39
CA CYS E 125 -24.02 0.03 -22.80
C CYS E 125 -23.23 0.29 -24.08
N ILE E 126 -22.03 -0.28 -24.19
CA ILE E 126 -21.21 -0.06 -25.38
C ILE E 126 -21.88 -0.68 -26.61
N ALA E 127 -22.42 -1.89 -26.46
CA ALA E 127 -23.09 -2.53 -27.60
C ALA E 127 -24.30 -1.72 -28.05
N GLY E 128 -25.14 -1.29 -27.10
CA GLY E 128 -26.28 -0.45 -27.45
C GLY E 128 -25.85 0.85 -28.10
N LEU E 129 -24.76 1.45 -27.61
CA LEU E 129 -24.24 2.69 -28.18
C LEU E 129 -23.84 2.50 -29.63
N TRP E 130 -23.09 1.44 -29.93
CA TRP E 130 -22.66 1.20 -31.30
C TRP E 130 -23.85 0.93 -32.21
N LEU E 131 -24.82 0.14 -31.73
CA LEU E 131 -26.02 -0.12 -32.53
C LEU E 131 -26.77 1.17 -32.83
N VAL E 132 -26.92 2.05 -31.82
CA VAL E 132 -27.64 3.30 -32.03
C VAL E 132 -26.89 4.20 -33.00
N SER E 133 -25.57 4.24 -32.91
CA SER E 133 -24.80 5.07 -33.84
C SER E 133 -24.96 4.57 -35.28
N TYR E 134 -24.87 3.25 -35.49
CA TYR E 134 -25.08 2.71 -36.84
C TYR E 134 -26.50 2.95 -37.33
N LEU E 135 -27.50 2.82 -36.45
CA LEU E 135 -28.86 3.12 -36.86
C LEU E 135 -29.02 4.58 -37.27
N ILE E 136 -28.46 5.51 -36.49
CA ILE E 136 -28.54 6.93 -36.82
C ILE E 136 -27.88 7.19 -38.16
N GLY E 137 -26.76 6.53 -38.43
CA GLY E 137 -26.08 6.74 -39.69
C GLY E 137 -26.69 6.09 -40.91
N PHE E 138 -27.42 4.99 -40.76
CA PHE E 138 -27.87 4.22 -41.91
C PHE E 138 -29.38 4.22 -42.13
N LEU E 139 -30.19 4.31 -41.07
CA LEU E 139 -31.65 4.31 -41.25
C LEU E 139 -32.17 5.42 -42.17
N PRO E 140 -31.62 6.64 -42.19
CA PRO E 140 -32.12 7.65 -43.14
C PRO E 140 -32.01 7.22 -44.60
N LEU E 141 -31.18 6.24 -44.93
CA LEU E 141 -31.10 5.77 -46.31
C LEU E 141 -32.44 5.20 -46.78
N GLY E 142 -33.10 4.44 -45.93
CA GLY E 142 -34.39 3.85 -46.24
C GLY E 142 -35.58 4.70 -45.90
N ILE E 143 -35.38 5.95 -45.51
CA ILE E 143 -36.45 6.87 -45.18
C ILE E 143 -36.53 7.93 -46.27
N PRO E 144 -37.67 8.08 -46.95
CA PRO E 144 -37.79 9.14 -47.96
C PRO E 144 -37.77 10.52 -47.30
N MET E 145 -37.61 11.55 -48.14
CA MET E 145 -37.55 12.96 -47.77
C MET E 145 -36.23 13.30 -47.09
N PHE E 146 -35.44 12.30 -46.73
CA PHE E 146 -34.08 12.52 -46.26
C PHE E 146 -33.05 12.47 -47.39
N GLN E 147 -33.48 12.18 -48.61
CA GLN E 147 -32.60 12.12 -49.76
C GLN E 147 -32.96 13.21 -50.77
N GLN E 148 -32.02 13.49 -51.66
CA GLN E 148 -32.27 14.37 -52.79
C GLN E 148 -32.50 13.53 -54.04
N THR E 149 -33.40 14.00 -54.90
CA THR E 149 -33.84 13.22 -56.05
C THR E 149 -33.32 13.77 -57.38
N ALA E 150 -32.24 14.55 -57.38
CA ALA E 150 -31.78 15.22 -58.59
C ALA E 150 -30.63 14.50 -59.27
N TYR E 151 -29.49 14.33 -58.58
CA TYR E 151 -28.26 13.86 -59.20
C TYR E 151 -27.36 13.24 -58.15
N LYS E 152 -26.70 12.14 -58.50
CA LYS E 152 -25.80 11.44 -57.58
C LYS E 152 -24.41 11.22 -58.18
N GLY E 153 -24.14 11.75 -59.37
CA GLY E 153 -22.84 11.53 -60.00
C GLY E 153 -21.71 12.20 -59.25
N GLN E 154 -21.90 13.46 -58.85
CA GLN E 154 -20.87 14.20 -58.13
C GLN E 154 -21.05 13.93 -56.63
N CYS E 155 -20.34 12.92 -56.14
CA CYS E 155 -20.51 12.47 -54.77
C CYS E 155 -20.01 13.51 -53.78
N SER E 156 -20.86 13.85 -52.83
CA SER E 156 -20.57 14.75 -51.72
C SER E 156 -21.77 14.75 -50.81
N PHE E 157 -21.56 15.20 -49.57
CA PHE E 157 -22.67 15.36 -48.65
C PHE E 157 -23.56 16.51 -49.13
N PHE E 158 -24.84 16.46 -48.75
CA PHE E 158 -25.89 17.36 -49.23
C PHE E 158 -26.16 17.21 -50.72
N ALA E 159 -25.56 16.21 -51.37
CA ALA E 159 -25.93 15.80 -52.71
C ALA E 159 -26.77 14.54 -52.74
N VAL E 160 -26.67 13.72 -51.70
CA VAL E 160 -27.51 12.54 -51.56
C VAL E 160 -28.41 12.60 -50.32
N PHE E 161 -28.14 13.51 -49.39
CA PHE E 161 -28.88 13.61 -48.14
C PHE E 161 -29.59 14.96 -48.08
N HIS E 162 -30.86 14.94 -47.70
CA HIS E 162 -31.61 16.18 -47.56
C HIS E 162 -31.16 16.92 -46.29
N PRO E 163 -31.15 18.25 -46.29
CA PRO E 163 -30.76 18.99 -45.08
C PRO E 163 -31.62 18.68 -43.87
N HIS E 164 -32.91 18.38 -44.06
CA HIS E 164 -33.80 18.13 -42.93
C HIS E 164 -33.22 17.08 -41.99
N PHE E 165 -32.53 16.09 -42.54
CA PHE E 165 -31.82 15.09 -41.73
C PHE E 165 -31.08 15.76 -40.58
N VAL E 166 -30.09 16.60 -40.89
CA VAL E 166 -29.30 17.19 -39.81
C VAL E 166 -30.22 17.95 -38.86
N LEU E 167 -31.23 18.64 -39.42
CA LEU E 167 -32.16 19.40 -38.61
C LEU E 167 -32.80 18.52 -37.55
N THR E 168 -33.34 17.36 -37.96
CA THR E 168 -34.01 16.53 -36.97
C THR E 168 -33.01 16.05 -35.92
N LEU E 169 -31.80 15.69 -36.36
CA LEU E 169 -30.76 15.36 -35.40
C LEU E 169 -30.52 16.54 -34.47
N SER E 170 -30.39 17.74 -35.06
CA SER E 170 -30.17 18.94 -34.28
C SER E 170 -31.28 19.16 -33.26
N CYS E 171 -32.50 18.70 -33.57
CA CYS E 171 -33.61 18.88 -32.65
C CYS E 171 -33.85 17.68 -31.75
N VAL E 172 -33.29 16.52 -32.08
CA VAL E 172 -33.50 15.31 -31.31
C VAL E 172 -32.24 14.88 -30.57
N GLY E 173 -31.09 14.92 -31.23
CA GLY E 173 -29.89 14.37 -30.64
C GLY E 173 -28.94 15.33 -29.94
N PHE E 174 -28.57 16.43 -30.61
CA PHE E 174 -27.41 17.19 -30.16
C PHE E 174 -27.76 18.21 -29.08
N PHE E 175 -28.65 19.15 -29.39
CA PHE E 175 -28.94 20.22 -28.44
C PHE E 175 -29.48 19.73 -27.10
N PRO E 176 -30.42 18.79 -27.02
CA PRO E 176 -30.80 18.27 -25.69
C PRO E 176 -29.62 17.66 -24.95
N ALA E 177 -28.86 16.78 -25.62
CA ALA E 177 -27.72 16.13 -24.98
C ALA E 177 -26.77 17.16 -24.39
N MET E 178 -26.40 18.18 -25.18
CA MET E 178 -25.51 19.23 -24.69
C MET E 178 -26.05 19.84 -23.41
N LEU E 179 -27.35 20.16 -23.38
CA LEU E 179 -27.95 20.67 -22.16
C LEU E 179 -27.69 19.72 -21.00
N LEU E 180 -28.04 18.44 -21.18
CA LEU E 180 -27.77 17.44 -20.17
C LEU E 180 -26.30 17.51 -19.75
N PHE E 181 -25.40 17.50 -20.73
CA PHE E 181 -23.98 17.64 -20.47
C PHE E 181 -23.72 18.77 -19.48
N VAL E 182 -24.13 19.99 -19.86
CA VAL E 182 -23.86 21.15 -19.02
C VAL E 182 -24.43 20.91 -17.64
N PHE E 183 -25.69 20.47 -17.58
CA PHE E 183 -26.35 20.26 -16.30
C PHE E 183 -25.49 19.39 -15.40
N PHE E 184 -25.05 18.23 -15.92
CA PHE E 184 -24.29 17.31 -15.09
C PHE E 184 -23.08 18.02 -14.50
N TYR E 185 -22.29 18.67 -15.34
CA TYR E 185 -21.06 19.24 -14.81
C TYR E 185 -21.37 20.37 -13.85
N CYS E 186 -22.41 21.16 -14.12
CA CYS E 186 -22.79 22.20 -13.18
C CYS E 186 -23.05 21.59 -11.82
N ASP E 187 -23.85 20.52 -11.77
CA ASP E 187 -24.09 19.84 -10.52
C ASP E 187 -22.78 19.45 -9.86
N MET E 188 -21.90 18.80 -10.62
CA MET E 188 -20.63 18.38 -10.05
C MET E 188 -19.86 19.58 -9.51
N LEU E 189 -19.84 20.67 -10.29
CA LEU E 189 -19.14 21.88 -9.84
C LEU E 189 -19.64 22.28 -8.47
N LYS E 190 -20.96 22.35 -8.30
CA LYS E 190 -21.53 22.74 -7.02
C LYS E 190 -20.96 21.87 -5.91
N ILE E 191 -21.05 20.54 -6.07
CA ILE E 191 -20.57 19.63 -5.05
C ILE E 191 -19.11 19.93 -4.73
N ALA E 192 -18.29 20.06 -5.79
CA ALA E 192 -16.87 20.33 -5.58
C ALA E 192 -16.69 21.59 -4.76
N SER E 193 -17.40 22.66 -5.13
CA SER E 193 -17.28 23.91 -4.42
C SER E 193 -17.49 23.70 -2.93
N MET E 194 -18.57 22.99 -2.57
CA MET E 194 -18.87 22.77 -1.17
C MET E 194 -17.67 22.13 -0.48
N HIS E 195 -17.18 21.02 -1.02
CA HIS E 195 -16.04 20.34 -0.41
C HIS E 195 -14.88 21.30 -0.27
N SER E 196 -14.57 22.03 -1.34
CA SER E 196 -13.43 22.95 -1.30
C SER E 196 -13.57 23.90 -0.12
N GLN E 197 -14.74 24.50 0.04
CA GLN E 197 -14.93 25.47 1.11
C GLN E 197 -14.63 24.81 2.46
N GLN E 198 -15.22 23.64 2.69
CA GLN E 198 -15.00 22.96 3.97
C GLN E 198 -13.50 22.75 4.20
N ILE E 199 -12.79 22.28 3.17
CA ILE E 199 -11.37 22.01 3.35
C ILE E 199 -10.65 23.27 3.77
N ARG E 200 -10.94 24.38 3.08
CA ARG E 200 -10.26 25.63 3.40
C ARG E 200 -10.51 26.01 4.84
N LYS E 201 -11.75 25.85 5.31
CA LYS E 201 -12.06 26.14 6.70
C LYS E 201 -11.10 25.41 7.63
N MET E 202 -10.97 24.09 7.44
CA MET E 202 -10.10 23.32 8.30
C MET E 202 -8.67 23.83 8.19
N GLU E 203 -8.20 24.11 6.97
CA GLU E 203 -6.82 24.55 6.79
C GLU E 203 -6.59 25.88 7.50
N HIS E 204 -7.64 26.68 7.69
CA HIS E 204 -7.47 27.89 8.46
C HIS E 204 -7.24 27.58 9.93
N ALA E 205 -8.06 26.69 10.51
CA ALA E 205 -7.99 26.45 11.95
C ALA E 205 -6.62 25.91 12.34
N GLY E 206 -6.14 24.89 11.63
CA GLY E 206 -4.82 24.38 11.88
C GLY E 206 -3.74 25.43 11.69
N ALA E 207 -3.92 26.31 10.71
CA ALA E 207 -2.95 27.39 10.50
C ALA E 207 -2.88 28.31 11.71
N MET E 208 -4.00 28.48 12.42
CA MET E 208 -3.96 29.22 13.66
C MET E 208 -3.27 28.42 14.75
N ALA E 209 -3.48 27.10 14.78
CA ALA E 209 -2.83 26.27 15.79
C ALA E 209 -1.33 26.17 15.54
N GLY E 210 -0.91 26.16 14.28
CA GLY E 210 0.49 26.13 13.95
C GLY E 210 1.24 27.41 14.30
N GLY E 211 0.53 28.49 14.61
CA GLY E 211 1.13 29.74 14.99
C GLY E 211 1.15 30.79 13.89
N TYR E 212 1.10 30.37 12.62
CA TYR E 212 1.14 31.30 11.50
C TYR E 212 -0.12 32.15 11.46
N ASP E 220 -9.52 26.85 -5.69
CA ASP E 220 -10.13 28.15 -5.91
C ASP E 220 -10.99 28.16 -7.16
N PHE E 221 -10.33 28.04 -8.32
CA PHE E 221 -11.03 27.97 -9.60
C PHE E 221 -10.52 26.82 -10.46
N LYS E 222 -9.94 25.79 -9.83
CA LYS E 222 -9.52 24.61 -10.56
C LYS E 222 -10.70 23.90 -11.20
N ALA E 223 -11.76 23.66 -10.42
CA ALA E 223 -12.95 23.01 -10.95
C ALA E 223 -13.60 23.87 -12.02
N LEU E 224 -13.61 25.20 -11.83
CA LEU E 224 -14.22 26.08 -12.82
C LEU E 224 -13.52 25.98 -14.17
N ARG E 225 -12.19 26.02 -14.17
CA ARG E 225 -11.47 25.95 -15.44
C ARG E 225 -11.57 24.57 -16.06
N THR E 226 -11.57 23.52 -15.24
CA THR E 226 -11.76 22.16 -15.79
C THR E 226 -13.12 22.03 -16.47
N VAL E 227 -14.17 22.51 -15.81
CA VAL E 227 -15.51 22.43 -16.37
C VAL E 227 -15.63 23.29 -17.62
N SER E 228 -15.00 24.47 -17.61
CA SER E 228 -15.01 25.31 -18.80
C SER E 228 -14.34 24.63 -19.98
N VAL E 229 -13.19 23.99 -19.74
CA VAL E 229 -12.51 23.27 -20.82
C VAL E 229 -13.39 22.15 -21.36
N LEU E 230 -14.01 21.38 -20.47
CA LEU E 230 -14.84 20.26 -20.91
C LEU E 230 -16.04 20.74 -21.73
N ILE E 231 -16.73 21.77 -21.24
CA ILE E 231 -17.91 22.28 -21.94
C ILE E 231 -17.52 22.88 -23.29
N GLY E 232 -16.43 23.66 -23.32
CA GLY E 232 -16.00 24.24 -24.58
C GLY E 232 -15.57 23.20 -25.59
N SER E 233 -14.94 22.11 -25.13
CA SER E 233 -14.56 21.05 -26.05
C SER E 233 -15.78 20.29 -26.57
N PHE E 234 -16.81 20.13 -25.74
CA PHE E 234 -18.00 19.41 -26.20
C PHE E 234 -18.88 20.25 -27.12
N ALA E 235 -18.95 21.56 -26.89
CA ALA E 235 -19.94 22.40 -27.56
C ALA E 235 -19.42 23.09 -28.81
N LEU E 236 -18.20 23.63 -28.79
CA LEU E 236 -17.71 24.44 -29.89
C LEU E 236 -17.43 23.65 -31.16
N CYS E 237 -17.29 22.33 -31.06
CA CYS E 237 -16.81 21.54 -32.20
C CYS E 237 -17.88 21.36 -33.28
N TRP E 238 -19.12 21.11 -32.87
CA TRP E 238 -20.19 20.84 -33.84
C TRP E 238 -21.24 21.93 -33.92
N THR E 239 -21.27 22.86 -32.98
CA THR E 239 -22.30 23.89 -32.99
C THR E 239 -22.33 24.75 -34.25
N PRO E 240 -21.20 25.25 -34.77
CA PRO E 240 -21.29 26.02 -36.03
C PRO E 240 -21.92 25.26 -37.18
N PHE E 241 -21.58 23.97 -37.32
CA PHE E 241 -22.13 23.17 -38.41
C PHE E 241 -23.65 23.08 -38.32
N LEU E 242 -24.16 22.71 -37.14
CA LEU E 242 -25.60 22.56 -36.98
C LEU E 242 -26.33 23.89 -37.11
N ILE E 243 -25.75 24.95 -36.55
CA ILE E 243 -26.38 26.28 -36.61
C ILE E 243 -26.46 26.74 -38.06
N THR E 244 -25.38 26.58 -38.82
CA THR E 244 -25.39 26.97 -40.23
C THR E 244 -26.32 26.08 -41.03
N GLY E 245 -26.46 24.80 -40.66
CA GLY E 245 -27.46 23.97 -41.31
C GLY E 245 -28.87 24.46 -41.10
N ILE E 246 -29.18 24.88 -39.88
CA ILE E 246 -30.50 25.46 -39.59
C ILE E 246 -30.71 26.74 -40.40
N VAL E 247 -29.67 27.59 -40.45
CA VAL E 247 -29.76 28.83 -41.22
C VAL E 247 -30.01 28.52 -42.68
N GLN E 248 -29.30 27.53 -43.22
CA GLN E 248 -29.48 27.13 -44.62
C GLN E 248 -30.88 26.60 -44.88
N VAL E 249 -31.42 25.81 -43.95
CA VAL E 249 -32.79 25.34 -44.12
C VAL E 249 -33.77 26.51 -44.08
N ALA E 250 -33.49 27.52 -43.26
CA ALA E 250 -34.40 28.64 -43.10
C ALA E 250 -34.60 29.42 -44.40
N CYS E 251 -33.52 29.68 -45.14
CA CYS E 251 -33.58 30.55 -46.30
C CYS E 251 -33.02 29.85 -47.53
N GLN E 252 -33.51 30.27 -48.70
CA GLN E 252 -33.06 29.72 -49.98
C GLN E 252 -31.75 30.36 -50.41
N GLU E 253 -30.70 30.04 -49.66
CA GLU E 253 -29.35 30.56 -49.91
C GLU E 253 -28.44 29.38 -50.26
N CYS E 254 -27.99 29.32 -51.51
CA CYS E 254 -27.10 28.25 -51.93
C CYS E 254 -25.66 28.47 -51.51
N HIS E 255 -25.30 29.70 -51.13
CA HIS E 255 -23.90 30.01 -50.81
C HIS E 255 -23.38 29.17 -49.66
N LEU E 256 -24.27 28.68 -48.80
CA LEU E 256 -23.82 27.87 -47.67
C LEU E 256 -23.43 26.46 -48.10
N TYR E 257 -24.07 25.92 -49.16
CA TYR E 257 -23.81 24.54 -49.60
C TYR E 257 -22.33 24.20 -49.63
N LEU E 258 -21.48 25.14 -50.04
CA LEU E 258 -20.06 24.82 -50.13
C LEU E 258 -19.38 24.91 -48.77
N VAL E 259 -19.64 26.00 -48.02
CA VAL E 259 -18.86 26.24 -46.81
C VAL E 259 -19.12 25.15 -45.78
N LEU E 260 -20.39 24.75 -45.61
CA LEU E 260 -20.72 23.66 -44.71
C LEU E 260 -19.95 22.39 -45.04
N GLU E 261 -19.63 22.19 -46.31
CA GLU E 261 -18.93 20.99 -46.74
C GLU E 261 -17.43 21.06 -46.51
N ARG E 262 -16.86 22.24 -46.27
CA ARG E 262 -15.40 22.36 -46.28
C ARG E 262 -14.81 23.22 -45.18
N TYR E 263 -15.61 23.85 -44.33
CA TYR E 263 -15.04 24.65 -43.24
C TYR E 263 -15.49 24.19 -41.86
N LEU E 264 -16.80 24.09 -41.62
CA LEU E 264 -17.30 23.76 -40.29
C LEU E 264 -17.13 22.27 -39.99
N TRP E 265 -17.31 21.43 -41.02
CA TRP E 265 -17.10 20.00 -40.87
C TRP E 265 -15.67 19.70 -40.46
N LEU E 266 -14.72 20.60 -40.78
CA LEU E 266 -13.35 20.41 -40.33
C LEU E 266 -13.23 20.56 -38.82
N LEU E 267 -13.94 21.53 -38.24
CA LEU E 267 -14.00 21.62 -36.78
C LEU E 267 -14.68 20.39 -36.18
N GLY E 268 -15.76 19.93 -36.81
CA GLY E 268 -16.40 18.71 -36.35
C GLY E 268 -15.44 17.53 -36.34
N VAL E 269 -14.58 17.44 -37.35
CA VAL E 269 -13.59 16.37 -37.40
C VAL E 269 -12.51 16.57 -36.33
N GLY E 270 -12.04 17.81 -36.17
CA GLY E 270 -11.03 18.11 -35.16
C GLY E 270 -11.48 17.88 -33.74
N ASN E 271 -12.79 17.75 -33.53
CA ASN E 271 -13.28 17.22 -32.26
C ASN E 271 -12.60 15.90 -31.91
N SER E 272 -12.38 15.04 -32.92
CA SER E 272 -11.73 13.76 -32.72
C SER E 272 -10.25 13.88 -32.38
N LEU E 273 -9.64 15.05 -32.60
CA LEU E 273 -8.30 15.32 -32.11
C LEU E 273 -8.32 15.94 -30.73
N LEU E 274 -9.36 16.72 -30.41
CA LEU E 274 -9.46 17.30 -29.08
C LEU E 274 -9.79 16.25 -28.03
N ASN E 275 -10.53 15.20 -28.40
CA ASN E 275 -10.91 14.19 -27.42
C ASN E 275 -9.74 13.45 -26.77
N PRO E 276 -8.74 12.95 -27.52
CA PRO E 276 -7.66 12.17 -26.86
C PRO E 276 -6.89 12.97 -25.83
N LEU E 277 -6.64 14.26 -26.08
CA LEU E 277 -5.88 15.06 -25.12
C LEU E 277 -6.63 15.23 -23.81
N ILE E 278 -7.95 15.44 -23.89
CA ILE E 278 -8.71 15.76 -22.70
C ILE E 278 -9.08 14.50 -21.93
N TYR E 279 -9.52 13.45 -22.61
CA TYR E 279 -10.02 12.28 -21.92
C TYR E 279 -8.98 11.19 -21.71
N ALA E 280 -7.84 11.25 -22.38
CA ALA E 280 -6.78 10.26 -22.18
C ALA E 280 -5.51 10.87 -21.64
N TYR E 281 -4.95 11.89 -22.29
CA TYR E 281 -3.68 12.46 -21.86
C TYR E 281 -3.76 13.16 -20.51
N TRP E 282 -4.95 13.64 -20.12
CA TRP E 282 -5.10 14.34 -18.85
C TRP E 282 -5.13 13.39 -17.66
N GLN E 283 -5.25 12.09 -17.88
CA GLN E 283 -5.25 11.13 -16.80
C GLN E 283 -3.82 10.79 -16.36
N LYS E 284 -3.64 10.60 -15.05
CA LYS E 284 -2.33 10.28 -14.51
C LYS E 284 -1.82 8.93 -15.01
N GLU E 285 -2.65 7.89 -14.85
CA GLU E 285 -2.22 6.54 -15.21
C GLU E 285 -1.97 6.41 -16.71
N VAL E 286 -2.83 7.02 -17.53
CA VAL E 286 -2.66 6.93 -18.98
C VAL E 286 -1.39 7.63 -19.42
N ARG E 287 -1.10 8.80 -18.84
CA ARG E 287 0.14 9.50 -19.18
C ARG E 287 1.37 8.73 -18.71
N LEU E 288 1.29 8.08 -17.55
CA LEU E 288 2.41 7.25 -17.11
C LEU E 288 2.63 6.08 -18.06
N GLN E 289 1.54 5.46 -18.54
CA GLN E 289 1.67 4.38 -19.50
C GLN E 289 2.26 4.88 -20.81
N LEU E 290 1.88 6.09 -21.24
CA LEU E 290 2.48 6.66 -22.45
C LEU E 290 3.98 6.90 -22.25
N TYR E 291 4.37 7.41 -21.08
CA TYR E 291 5.79 7.61 -20.80
C TYR E 291 6.54 6.28 -20.81
N HIS E 292 5.94 5.23 -20.25
CA HIS E 292 6.57 3.92 -20.28
C HIS E 292 6.71 3.40 -21.70
N MET E 293 5.69 3.63 -22.53
CA MET E 293 5.76 3.24 -23.94
C MET E 293 6.79 4.06 -24.70
N ALA E 294 7.11 5.26 -24.22
CA ALA E 294 8.07 6.11 -24.93
C ALA E 294 9.45 5.46 -24.99
N LEU E 295 9.89 4.82 -23.91
CA LEU E 295 11.21 4.19 -23.92
C LEU E 295 11.21 2.90 -24.73
N GLY E 296 10.06 2.26 -24.89
CA GLY E 296 10.00 1.02 -25.66
C GLY E 296 10.39 1.24 -27.12
N VAL E 297 9.93 2.32 -27.72
CA VAL E 297 10.26 2.60 -29.11
C VAL E 297 11.72 3.03 -29.25
N LYS E 298 12.26 3.72 -28.24
CA LYS E 298 13.66 4.16 -28.31
C LYS E 298 14.61 2.98 -28.19
N LYS E 299 14.39 2.11 -27.20
CA LYS E 299 15.30 0.99 -26.97
C LYS E 299 15.10 -0.12 -27.99
N VAL E 300 13.89 -0.27 -28.51
CA VAL E 300 13.54 -1.34 -29.45
C VAL E 300 13.86 -2.71 -28.86
#